data_6MO3
#
_entry.id   6MO3
#
_cell.length_a   59.680
_cell.length_b   133.810
_cell.length_c   143.780
_cell.angle_alpha   90.00
_cell.angle_beta   90.00
_cell.angle_gamma   90.00
#
_symmetry.space_group_name_H-M   'P 2 21 21'
#
loop_
_entity.id
_entity.type
_entity.pdbx_description
1 polymer 'Tyrosine phenol-lyase'
2 polymer 'Tyrosine phenol-lyase'
3 non-polymer pyridin-4-ol
4 non-polymer '2-{[(E)-{3-hydroxy-2-methyl-5-[(phosphonooxy)methyl]pyridin-4-yl}methylidene]amino}prop-2-enoic acid'
5 non-polymer 'POTASSIUM ION'
6 non-polymer SERINE
7 non-polymer 3,6,9,12,15,18-HEXAOXAICOSANE-1,20-DIOL
8 water water
#
loop_
_entity_poly.entity_id
_entity_poly.type
_entity_poly.pdbx_seq_one_letter_code
_entity_poly.pdbx_strand_id
1 'polypeptide(L)'
;MNYPAEPFRIKSVETVSMIPRDERLKKMQEAGYNTFLLNSKDIYIDLLTDSGTNAMSDKQWAGMMMGDEAYAGSENFYHL
ERTVQELFGFKHIVPTHQGRGAENLLSQLAIKPGQYVAGNMYFTTTRYHQEKNGAVFVDIVRDEAHDAGLNIAFKGDIDL
KKLQKLIDEKGAENIAYICLAVTVNLAGGQPVSMANMRAVRELTAAHGIKVFYDATRCVENAYFIKEQEQGFENKSIAEI
VHEMFSYADGCTMSGKKDCLVNIGGFLCMNDDEMFSSAKELVVVYEGMPSYGGLAGRDMEAMAIGLREAMQYEYIEHRVK
QVRYLGDKLKAAGVPIVEPVGGHAVFLDARRFCEHLTQDEFPAQSLAASIYVETGVRSMERGIISAGRNNVTGEHHRPKL
ETVRLTIPRRVYTYAHMDVVADGIIKLYQHKEDIRGLKFIYEPKQLRFFTARFDYI
;
A
2 'polypeptide(L)'
;MNYPAEPFRIKSVETVSMIPRDERLKKMQEAGYNTFLLNSKDIYIDLLTDSGTNAMSDKQWAGMMMGDEAYAGSENFYHL
ERTVQELFGFKHIVPTHQGRGAENLLSQLAIKPGQYVAGNMYFTTTRYHQEKNGAVFVDIVRDEAHDAGLNIAFKGDIDL
KKLQKLIDEKGAENIAYICLAVTVNLAGGQPVSMANMRAVRELTAAHGIKVFYDATRCVENAYFIKEQEQGFENKSIAEI
VHEMFSYADGCTMSGK(LLP)DCLVNIGGFLCMNDDEMFSSAKELVVVYEGMPSYGGLAGRDMEAMAIGLREAMQYEYIE
HRVKQVRYLGDKLKAAGVPIVEPVGGHAVFLDARRFCEHLTQDEFPAQSLAASIYVETGVRSMERGIISAGRNNVTGEHH
RPKLETVRLTIPRRVYTYAHMDVVADGIIKLYQHKEDIRGLKFIYEPKQLRFFTARFDYI
;
B
#
loop_
_chem_comp.id
_chem_comp.type
_chem_comp.name
_chem_comp.formula
0JO non-polymer '2-{[(E)-{3-hydroxy-2-methyl-5-[(phosphonooxy)methyl]pyridin-4-yl}methylidene]amino}prop-2-enoic acid' 'C11 H13 N2 O7 P'
CQG non-polymer pyridin-4-ol 'C5 H5 N O'
K non-polymer 'POTASSIUM ION' 'K 1'
P33 non-polymer 3,6,9,12,15,18-HEXAOXAICOSANE-1,20-DIOL 'C14 H30 O8'
#
# COMPACT_ATOMS: atom_id res chain seq x y z
N ASN A 2 -0.93 37.35 3.86
CA ASN A 2 0.40 37.78 3.45
C ASN A 2 1.27 36.54 3.38
N TYR A 3 2.18 36.41 4.36
CA TYR A 3 2.68 35.08 4.69
C TYR A 3 2.33 34.84 6.15
N PRO A 4 1.27 34.09 6.42
CA PRO A 4 0.86 33.85 7.80
C PRO A 4 1.82 32.93 8.52
N ALA A 5 1.86 33.08 9.85
CA ALA A 5 2.58 32.13 10.67
C ALA A 5 1.83 30.80 10.75
N GLU A 6 2.52 29.74 11.21
CA GLU A 6 1.94 28.41 11.30
C GLU A 6 0.74 28.45 12.23
N PRO A 7 -0.41 28.00 11.81
CA PRO A 7 -1.60 27.99 12.65
C PRO A 7 -1.67 26.73 13.53
N PHE A 8 -0.58 26.45 14.24
CA PHE A 8 -0.42 25.27 15.08
C PHE A 8 0.92 25.49 15.77
N ARG A 9 1.17 24.71 16.80
CA ARG A 9 2.47 24.67 17.46
C ARG A 9 3.14 23.35 17.12
N ILE A 10 4.44 23.29 17.37
CA ILE A 10 5.18 22.05 17.25
C ILE A 10 4.94 21.23 18.53
N LYS A 11 4.39 20.01 18.38
CA LYS A 11 4.24 19.07 19.49
C LYS A 11 5.45 18.14 19.61
N SER A 12 5.99 17.64 18.50
CA SER A 12 7.20 16.83 18.62
C SER A 12 8.06 17.05 17.38
N VAL A 13 9.36 16.74 17.50
CA VAL A 13 10.32 17.09 16.45
C VAL A 13 11.04 15.83 15.99
N GLU A 14 11.73 15.92 14.82
N GLU A 14 11.35 15.81 14.69
CA GLU A 14 12.81 14.98 14.46
CA GLU A 14 12.09 14.71 14.10
C GLU A 14 14.04 15.72 13.93
C GLU A 14 13.56 15.11 14.07
N THR A 15 15.24 15.24 14.27
N THR A 15 14.40 14.29 14.66
CA THR A 15 16.45 15.99 13.94
CA THR A 15 15.82 14.55 14.58
C THR A 15 16.76 15.94 12.43
C THR A 15 16.31 14.25 13.17
N VAL A 16 17.40 16.98 11.91
N VAL A 16 17.17 15.16 12.69
CA VAL A 16 17.86 16.98 10.53
CA VAL A 16 17.85 15.06 11.41
C VAL A 16 19.34 17.29 10.52
C VAL A 16 19.34 15.26 11.69
N SER A 17 20.00 16.87 9.46
N SER A 17 20.17 14.73 10.81
CA SER A 17 21.46 16.99 9.41
CA SER A 17 21.61 14.97 10.91
C SER A 17 21.91 16.95 7.96
C SER A 17 21.95 16.33 10.30
N MET A 18 23.07 17.54 7.73
N MET A 18 22.76 17.10 11.02
CA MET A 18 23.63 17.61 6.40
CA MET A 18 23.17 18.41 10.53
C MET A 18 24.99 16.91 6.41
C MET A 18 24.54 18.35 9.88
N ILE A 19 25.18 15.98 5.48
N ILE A 19 24.69 17.43 8.94
CA ILE A 19 26.48 15.33 5.27
CA ILE A 19 25.99 17.09 8.37
C ILE A 19 27.28 16.21 4.30
C ILE A 19 26.43 18.19 7.41
N PRO A 20 28.60 16.17 4.34
N PRO A 20 27.69 18.56 7.46
CA PRO A 20 29.41 17.08 3.50
CA PRO A 20 28.17 19.70 6.67
C PRO A 20 29.21 16.85 2.01
C PRO A 20 28.26 19.43 5.18
N ARG A 21 29.62 17.86 1.22
N ARG A 21 28.64 20.46 4.44
CA ARG A 21 29.41 17.82 -0.23
CA ARG A 21 28.56 20.44 2.98
C ARG A 21 30.12 16.62 -0.84
C ARG A 21 29.48 19.38 2.38
N ASP A 22 31.31 16.30 -0.36
N ASP A 22 30.73 19.30 2.84
CA ASP A 22 32.05 15.14 -0.87
CA ASP A 22 31.66 18.34 2.25
C ASP A 22 31.25 13.86 -0.69
C ASP A 22 31.22 16.89 2.51
N GLU A 23 30.54 13.74 0.44
N GLU A 23 30.65 16.61 3.68
CA GLU A 23 29.75 12.54 0.68
CA GLU A 23 30.14 15.25 3.89
C GLU A 23 28.48 12.53 -0.16
C GLU A 23 28.93 14.98 3.02
N ARG A 24 27.84 13.70 -0.34
N ARG A 24 28.11 16.01 2.75
CA ARG A 24 26.65 13.75 -1.18
CA ARG A 24 26.98 15.87 1.85
C ARG A 24 26.98 13.39 -2.62
C ARG A 24 27.43 15.54 0.43
N LEU A 25 28.11 13.89 -3.11
N LEU A 25 28.59 16.07 0.00
CA LEU A 25 28.60 13.51 -4.42
CA LEU A 25 29.10 15.74 -1.33
C LEU A 25 28.72 11.99 -4.56
C LEU A 25 29.42 14.26 -1.45
N LYS A 26 29.32 11.33 -3.57
N LYS A 26 30.07 13.68 -0.42
CA LYS A 26 29.41 9.87 -3.59
CA LYS A 26 30.38 12.26 -0.47
C LYS A 26 28.01 9.24 -3.58
C LYS A 26 29.11 11.42 -0.51
N LYS A 27 27.15 9.68 -2.67
N LYS A 27 28.09 11.82 0.25
CA LYS A 27 25.79 9.16 -2.60
CA LYS A 27 26.82 11.08 0.23
C LYS A 27 25.06 9.31 -3.92
C LYS A 27 26.16 11.17 -1.14
N MET A 28 25.23 10.47 -4.58
N MET A 28 26.23 12.35 -1.77
CA MET A 28 24.48 10.77 -5.80
CA MET A 28 25.75 12.48 -3.15
C MET A 28 24.89 9.85 -6.95
C MET A 28 26.59 11.64 -4.10
N GLN A 29 26.19 9.58 -7.11
N GLN A 29 27.91 11.64 -3.92
CA GLN A 29 26.60 8.64 -8.15
CA GLN A 29 28.78 10.75 -4.69
C GLN A 29 26.33 7.19 -7.76
C GLN A 29 28.38 9.30 -4.49
N GLU A 30 26.20 6.90 -6.46
N GLU A 30 28.17 8.88 -3.24
CA GLU A 30 25.78 5.56 -6.07
CA GLU A 30 27.80 7.49 -2.98
C GLU A 30 24.29 5.33 -6.37
C GLU A 30 26.42 7.15 -3.53
N ALA A 31 23.49 6.39 -6.28
N ALA A 31 25.64 8.18 -3.90
CA ALA A 31 22.09 6.42 -6.70
CA ALA A 31 24.31 8.02 -4.46
C ALA A 31 21.92 6.52 -8.22
C ALA A 31 24.27 8.09 -5.98
N GLY A 32 22.98 6.40 -9.01
N GLY A 32 25.41 8.02 -6.64
CA GLY A 32 22.92 6.55 -10.46
CA GLY A 32 25.41 8.19 -8.09
C GLY A 32 22.28 7.83 -10.93
C GLY A 32 24.79 9.48 -8.57
N TYR A 33 22.47 8.91 -10.16
N TYR A 33 24.87 10.54 -7.76
CA TYR A 33 21.99 10.25 -10.46
CA TYR A 33 24.30 11.85 -8.09
C TYR A 33 20.46 10.34 -10.54
C TYR A 33 22.81 11.76 -8.42
N ASN A 34 19.75 9.41 -9.91
N ASN A 34 22.11 10.75 -7.92
CA ASN A 34 18.30 9.47 -9.75
CA ASN A 34 20.67 10.60 -8.16
C ASN A 34 17.99 9.71 -8.27
C ASN A 34 19.93 10.83 -6.86
N THR A 35 17.34 10.85 -7.97
N THR A 35 18.97 11.74 -6.92
CA THR A 35 17.02 11.19 -6.59
CA THR A 35 18.14 12.06 -5.76
C THR A 35 16.14 10.13 -5.90
C THR A 35 17.28 10.88 -5.33
N PHE A 36 15.32 9.39 -6.65
N PHE A 36 16.61 10.23 -6.29
CA PHE A 36 14.50 8.34 -6.05
CA PHE A 36 15.59 9.23 -6.00
C PHE A 36 15.34 7.27 -5.36
C PHE A 36 16.18 7.96 -5.42
N LEU A 37 16.58 7.08 -5.80
N LEU A 37 17.49 7.74 -5.56
CA LEU A 37 17.42 6.02 -5.24
CA LEU A 37 18.11 6.61 -4.86
C LEU A 37 18.29 6.47 -4.06
C LEU A 37 18.80 7.03 -3.55
N LEU A 38 18.22 7.73 -3.65
N LEU A 38 18.66 8.30 -3.15
CA LEU A 38 18.99 8.13 -2.46
CA LEU A 38 19.25 8.77 -1.90
C LEU A 38 18.33 7.61 -1.19
C LEU A 38 18.51 8.23 -0.67
N ASN A 39 19.11 7.53 -0.12
N ASN A 39 19.25 8.07 0.42
CA ASN A 39 18.67 7.03 1.18
CA ASN A 39 18.72 7.56 1.67
C ASN A 39 18.26 8.19 2.07
C ASN A 39 18.19 8.69 2.55
N SER A 40 17.18 8.00 2.84
N SER A 40 17.13 8.38 3.30
CA SER A 40 16.60 9.07 3.63
CA SER A 40 16.46 9.40 4.10
C SER A 40 17.60 9.69 4.59
C SER A 40 17.36 9.95 5.20
N LYS A 41 18.41 8.85 5.23
N LYS A 41 18.21 9.10 5.77
CA LYS A 41 19.37 9.36 6.21
CA LYS A 41 19.21 9.59 6.71
C LYS A 41 20.37 10.32 5.58
C LYS A 41 20.23 10.50 6.02
N ASP A 42 20.61 10.22 4.26
N ASP A 42 20.41 10.39 4.71
CA ASP A 42 21.58 11.06 3.56
CA ASP A 42 21.31 11.30 4.02
C ASP A 42 20.97 12.32 2.94
C ASP A 42 20.64 12.60 3.59
N ILE A 43 19.68 12.59 3.18
N ILE A 43 19.36 12.81 3.87
CA ILE A 43 19.00 13.81 2.77
CA ILE A 43 18.65 13.97 3.36
C ILE A 43 18.96 14.75 3.98
C ILE A 43 18.44 14.98 4.46
N TYR A 44 18.98 16.07 3.72
N TYR A 44 18.96 16.19 4.25
CA TYR A 44 18.89 17.09 4.76
CA TYR A 44 18.71 17.24 5.23
C TYR A 44 17.47 17.65 4.95
C TYR A 44 17.29 17.79 5.09
N ILE A 45 16.87 18.21 3.90
CA ILE A 45 15.47 18.67 3.78
C ILE A 45 14.89 17.88 2.61
N ASP A 46 13.84 17.09 2.84
CA ASP A 46 13.40 16.08 1.86
C ASP A 46 12.12 16.57 1.16
N LEU A 47 12.33 17.19 0.00
CA LEU A 47 11.22 17.71 -0.79
C LEU A 47 10.91 16.81 -1.99
N LEU A 48 11.26 15.51 -1.89
N LEU A 48 11.24 15.52 -1.88
CA LEU A 48 10.95 14.60 -2.99
CA LEU A 48 10.96 14.58 -2.95
C LEU A 48 9.46 14.62 -3.30
C LEU A 48 9.47 14.54 -3.28
N THR A 49 8.63 14.55 -2.25
CA THR A 49 7.19 14.43 -2.42
C THR A 49 6.44 14.88 -1.19
N ASP A 50 5.22 15.37 -1.41
CA ASP A 50 4.27 15.66 -0.33
C ASP A 50 3.39 14.44 -0.02
N SER A 51 3.71 13.30 -0.60
CA SER A 51 2.86 12.13 -0.51
C SER A 51 3.30 11.30 0.68
N GLY A 52 2.51 11.33 1.75
CA GLY A 52 2.74 10.41 2.87
C GLY A 52 3.80 10.90 3.83
N THR A 53 4.33 12.09 3.59
CA THR A 53 5.39 12.68 4.39
C THR A 53 4.86 13.71 5.40
N ASN A 54 3.54 13.84 5.53
CA ASN A 54 2.95 14.91 6.34
C ASN A 54 3.17 14.67 7.84
N ALA A 55 3.14 15.77 8.60
CA ALA A 55 3.12 15.65 10.07
C ALA A 55 1.67 15.58 10.56
N MET A 56 1.36 14.55 11.35
CA MET A 56 0.04 14.40 11.93
C MET A 56 -0.10 15.28 13.17
N SER A 57 -1.35 15.49 13.61
CA SER A 57 -1.61 16.29 14.81
C SER A 57 -1.71 15.42 16.07
N ASP A 58 -1.80 16.12 17.22
CA ASP A 58 -2.02 15.42 18.48
C ASP A 58 -3.34 14.69 18.44
N LYS A 59 -4.36 15.24 17.78
CA LYS A 59 -5.65 14.52 17.73
C LYS A 59 -5.54 13.27 16.89
N GLN A 60 -4.79 13.34 15.79
CA GLN A 60 -4.60 12.15 14.99
C GLN A 60 -3.82 11.09 15.75
N TRP A 61 -2.77 11.50 16.46
CA TRP A 61 -2.00 10.53 17.26
C TRP A 61 -2.83 9.96 18.40
N ALA A 62 -3.74 10.75 19.01
CA ALA A 62 -4.69 10.15 19.96
C ALA A 62 -5.56 9.08 19.27
N GLY A 63 -6.01 9.39 18.05
CA GLY A 63 -6.70 8.39 17.26
C GLY A 63 -5.87 7.15 16.96
N MET A 64 -4.54 7.34 16.76
CA MET A 64 -3.64 6.20 16.55
C MET A 64 -3.56 5.24 17.75
N MET A 65 -3.88 5.70 18.97
CA MET A 65 -3.92 4.84 20.14
C MET A 65 -5.24 4.12 20.28
N MET A 66 -6.21 4.47 19.46
CA MET A 66 -7.56 3.91 19.51
CA MET A 66 -7.52 3.84 19.55
C MET A 66 -7.84 3.07 18.28
N GLY A 67 -6.83 2.45 17.70
CA GLY A 67 -7.06 1.58 16.55
C GLY A 67 -7.90 0.39 16.98
N ASP A 68 -9.04 0.18 16.32
CA ASP A 68 -9.88 -1.01 16.51
C ASP A 68 -9.48 -1.91 15.35
N GLU A 69 -8.66 -2.94 15.63
CA GLU A 69 -8.03 -3.69 14.55
C GLU A 69 -8.88 -4.85 14.03
N ALA A 70 -10.18 -4.81 14.32
CA ALA A 70 -11.06 -5.91 13.93
C ALA A 70 -11.17 -6.00 12.41
N TYR A 71 -11.31 -7.23 11.93
CA TYR A 71 -11.34 -7.48 10.49
C TYR A 71 -12.56 -6.88 9.82
N ALA A 72 -13.67 -6.83 10.55
CA ALA A 72 -14.93 -6.30 10.06
C ALA A 72 -15.59 -5.50 11.18
N GLY A 73 -16.31 -4.43 10.83
CA GLY A 73 -17.06 -3.75 11.85
C GLY A 73 -16.24 -2.82 12.75
N SER A 74 -15.03 -2.45 12.35
CA SER A 74 -14.17 -1.59 13.16
C SER A 74 -14.81 -0.22 13.33
N GLU A 75 -14.76 0.31 14.57
CA GLU A 75 -15.19 1.70 14.78
C GLU A 75 -14.44 2.67 13.88
N ASN A 76 -13.19 2.37 13.54
CA ASN A 76 -12.41 3.29 12.72
C ASN A 76 -12.96 3.34 11.30
N PHE A 77 -13.38 2.19 10.77
CA PHE A 77 -14.00 2.18 9.44
C PHE A 77 -15.27 3.01 9.45
N TYR A 78 -16.11 2.83 10.48
CA TYR A 78 -17.36 3.60 10.47
C TYR A 78 -17.06 5.08 10.54
N HIS A 79 -16.04 5.47 11.32
CA HIS A 79 -15.69 6.89 11.40
CA HIS A 79 -15.63 6.88 11.42
C HIS A 79 -15.22 7.42 10.05
N LEU A 80 -14.35 6.66 9.36
CA LEU A 80 -13.88 7.12 8.04
C LEU A 80 -15.04 7.18 7.06
N GLU A 81 -15.87 6.15 7.05
CA GLU A 81 -17.00 6.10 6.13
C GLU A 81 -17.90 7.31 6.32
N ARG A 82 -18.25 7.60 7.56
CA ARG A 82 -19.21 8.68 7.68
C ARG A 82 -18.57 10.05 7.50
N THR A 83 -17.29 10.19 7.83
CA THR A 83 -16.60 11.45 7.56
C THR A 83 -16.56 11.72 6.06
N VAL A 84 -16.26 10.70 5.24
CA VAL A 84 -16.21 10.92 3.81
C VAL A 84 -17.61 11.16 3.24
N GLN A 85 -18.61 10.40 3.68
CA GLN A 85 -19.99 10.66 3.23
C GLN A 85 -20.40 12.10 3.54
N GLU A 86 -20.03 12.59 4.72
CA GLU A 86 -20.42 13.96 5.10
C GLU A 86 -19.63 15.00 4.31
N LEU A 87 -18.31 14.85 4.20
CA LEU A 87 -17.53 15.93 3.61
C LEU A 87 -17.53 15.88 2.08
N PHE A 88 -17.57 14.69 1.48
CA PHE A 88 -17.53 14.58 0.02
C PHE A 88 -18.89 14.33 -0.59
N GLY A 89 -19.81 13.75 0.15
CA GLY A 89 -21.15 13.60 -0.32
C GLY A 89 -21.41 12.34 -1.13
N PHE A 90 -20.42 11.47 -1.31
CA PHE A 90 -20.70 10.29 -2.12
C PHE A 90 -21.42 9.24 -1.30
N LYS A 91 -22.13 8.35 -2.00
CA LYS A 91 -22.97 7.39 -1.30
C LYS A 91 -22.13 6.30 -0.65
N HIS A 92 -21.06 5.82 -1.33
CA HIS A 92 -20.35 4.60 -0.96
C HIS A 92 -18.86 4.86 -0.90
N ILE A 93 -18.18 4.18 0.03
CA ILE A 93 -16.73 4.31 0.13
C ILE A 93 -16.09 2.93 0.25
N VAL A 94 -14.97 2.73 -0.45
CA VAL A 94 -14.16 1.51 -0.31
C VAL A 94 -12.76 1.97 0.08
N PRO A 95 -12.26 1.68 1.28
CA PRO A 95 -10.89 2.10 1.61
C PRO A 95 -9.88 1.29 0.80
N THR A 96 -8.73 1.91 0.50
CA THR A 96 -7.63 1.22 -0.16
C THR A 96 -6.34 1.62 0.55
N HIS A 97 -5.25 0.89 0.30
CA HIS A 97 -4.09 1.25 1.12
C HIS A 97 -3.47 2.56 0.66
N GLN A 98 -3.66 2.97 -0.59
CA GLN A 98 -3.33 4.34 -1.01
C GLN A 98 -3.97 4.56 -2.38
N GLY A 99 -3.64 5.68 -3.05
CA GLY A 99 -4.41 6.08 -4.22
C GLY A 99 -4.33 5.12 -5.40
N ARG A 100 -3.14 4.55 -5.66
CA ARG A 100 -3.06 3.72 -6.86
C ARG A 100 -3.80 2.39 -6.68
N GLY A 101 -4.11 2.02 -5.44
CA GLY A 101 -4.99 0.89 -5.22
C GLY A 101 -6.41 1.21 -5.64
N ALA A 102 -6.85 2.44 -5.37
CA ALA A 102 -8.17 2.86 -5.82
C ALA A 102 -8.21 3.03 -7.33
N GLU A 103 -7.13 3.52 -7.93
CA GLU A 103 -7.04 3.60 -9.40
C GLU A 103 -7.09 2.22 -10.05
N ASN A 104 -6.40 1.24 -9.46
CA ASN A 104 -6.47 -0.12 -9.96
C ASN A 104 -7.93 -0.60 -10.01
N LEU A 105 -8.69 -0.35 -8.95
CA LEU A 105 -10.09 -0.78 -8.89
C LEU A 105 -10.94 -0.04 -9.90
N LEU A 106 -10.84 1.30 -9.93
CA LEU A 106 -11.67 2.07 -10.87
C LEU A 106 -11.41 1.64 -12.30
N SER A 107 -10.14 1.54 -12.68
CA SER A 107 -9.83 1.24 -14.08
C SER A 107 -10.33 -0.13 -14.46
N GLN A 108 -10.27 -1.09 -13.54
CA GLN A 108 -10.76 -2.41 -13.86
C GLN A 108 -12.29 -2.42 -13.93
N LEU A 109 -12.94 -1.57 -13.15
CA LEU A 109 -14.40 -1.55 -13.11
C LEU A 109 -15.02 -0.78 -14.28
N ALA A 110 -14.38 0.29 -14.74
CA ALA A 110 -15.07 1.28 -15.55
C ALA A 110 -14.60 1.36 -17.00
N ILE A 111 -13.60 0.57 -17.41
CA ILE A 111 -13.03 0.65 -18.75
C ILE A 111 -13.31 -0.66 -19.47
N LYS A 112 -13.85 -0.56 -20.68
CA LYS A 112 -13.85 -1.64 -21.66
C LYS A 112 -12.72 -1.41 -22.66
N PRO A 113 -11.99 -2.46 -23.05
CA PRO A 113 -10.85 -2.27 -23.95
C PRO A 113 -11.25 -1.56 -25.24
N GLY A 114 -10.39 -0.66 -25.71
CA GLY A 114 -10.70 0.13 -26.87
C GLY A 114 -11.29 1.51 -26.58
N GLN A 115 -11.81 1.72 -25.37
CA GLN A 115 -12.46 2.98 -25.02
C GLN A 115 -11.45 4.06 -24.66
N TYR A 116 -11.94 5.29 -24.64
CA TYR A 116 -11.11 6.44 -24.30
C TYR A 116 -11.37 6.88 -22.88
N VAL A 117 -10.31 7.28 -22.19
CA VAL A 117 -10.40 8.05 -20.95
C VAL A 117 -9.77 9.40 -21.22
N ALA A 118 -10.47 10.47 -20.88
CA ALA A 118 -9.99 11.81 -21.15
C ALA A 118 -9.88 12.54 -19.83
N GLY A 119 -8.78 13.29 -19.66
CA GLY A 119 -8.51 13.97 -18.41
C GLY A 119 -7.72 15.25 -18.60
N ASN A 120 -7.63 16.03 -17.51
CA ASN A 120 -6.90 17.30 -17.57
C ASN A 120 -5.43 17.01 -17.24
N MET A 121 -4.71 16.56 -18.27
CA MET A 121 -3.30 16.17 -18.20
C MET A 121 -3.15 14.79 -17.58
N TYR A 122 -2.12 14.05 -17.97
CA TYR A 122 -1.94 12.71 -17.45
C TYR A 122 -1.32 12.77 -16.04
N PHE A 123 -1.45 11.66 -15.30
CA PHE A 123 -0.59 11.35 -14.17
C PHE A 123 -0.04 9.93 -14.34
N THR A 124 1.12 9.66 -13.71
CA THR A 124 1.90 8.46 -14.05
C THR A 124 1.16 7.17 -13.71
N THR A 125 0.80 6.97 -12.43
CA THR A 125 0.12 5.73 -12.08
C THR A 125 -1.30 5.66 -12.66
N THR A 126 -2.01 6.78 -12.63
CA THR A 126 -3.34 6.86 -13.24
C THR A 126 -3.33 6.39 -14.69
N ARG A 127 -2.44 6.96 -15.50
CA ARG A 127 -2.39 6.62 -16.91
C ARG A 127 -1.95 5.17 -17.11
N TYR A 128 -1.09 4.65 -16.23
CA TYR A 128 -0.70 3.26 -16.38
C TYR A 128 -1.90 2.34 -16.22
N HIS A 129 -2.72 2.58 -15.19
CA HIS A 129 -3.86 1.70 -14.93
C HIS A 129 -4.95 1.85 -15.99
N GLN A 130 -5.14 3.07 -16.51
CA GLN A 130 -6.03 3.25 -17.65
C GLN A 130 -5.56 2.41 -18.84
N GLU A 131 -4.29 2.55 -19.22
CA GLU A 131 -3.80 1.89 -20.42
C GLU A 131 -3.70 0.38 -20.19
N LYS A 132 -3.29 -0.03 -19.00
CA LYS A 132 -3.20 -1.45 -18.69
C LYS A 132 -4.54 -2.15 -18.88
N ASN A 133 -5.64 -1.45 -18.64
CA ASN A 133 -6.96 -2.03 -18.81
C ASN A 133 -7.53 -1.75 -20.19
N GLY A 134 -6.73 -1.24 -21.10
CA GLY A 134 -7.12 -1.14 -22.51
C GLY A 134 -7.63 0.21 -22.96
N ALA A 135 -7.52 1.25 -22.15
CA ALA A 135 -8.00 2.57 -22.56
C ALA A 135 -6.93 3.31 -23.32
N VAL A 136 -7.37 4.23 -24.20
CA VAL A 136 -6.51 5.26 -24.77
C VAL A 136 -6.72 6.57 -24.00
N PHE A 137 -5.62 7.15 -23.51
CA PHE A 137 -5.69 8.41 -22.79
C PHE A 137 -5.72 9.58 -23.77
N VAL A 138 -6.61 10.54 -23.51
CA VAL A 138 -6.73 11.78 -24.29
C VAL A 138 -6.61 12.97 -23.33
N ASP A 139 -5.69 13.87 -23.63
CA ASP A 139 -5.48 15.04 -22.77
C ASP A 139 -6.43 16.14 -23.22
N ILE A 140 -7.31 16.58 -22.33
CA ILE A 140 -8.25 17.64 -22.69
C ILE A 140 -8.09 18.88 -21.82
N VAL A 141 -6.97 18.99 -21.09
CA VAL A 141 -6.65 20.25 -20.42
C VAL A 141 -6.45 21.33 -21.48
N ARG A 142 -6.69 22.58 -21.10
CA ARG A 142 -6.45 23.62 -22.10
CA ARG A 142 -6.43 23.76 -21.95
C ARG A 142 -4.95 23.81 -22.35
N ASP A 143 -4.65 24.27 -23.57
CA ASP A 143 -3.28 24.38 -24.03
C ASP A 143 -2.39 25.15 -23.06
N GLU A 144 -2.95 26.17 -22.38
CA GLU A 144 -2.11 27.02 -21.54
C GLU A 144 -1.47 26.26 -20.40
N ALA A 145 -2.12 25.17 -19.93
CA ALA A 145 -1.56 24.43 -18.80
C ALA A 145 -0.17 23.87 -19.10
N HIS A 146 0.17 23.74 -20.38
CA HIS A 146 1.46 23.19 -20.80
C HIS A 146 2.53 24.26 -20.98
N ASP A 147 2.20 25.52 -20.73
CA ASP A 147 3.14 26.63 -20.89
CA ASP A 147 3.16 26.59 -20.88
C ASP A 147 3.59 27.04 -19.49
N ALA A 148 4.80 26.61 -19.11
CA ALA A 148 5.26 26.76 -17.73
C ALA A 148 5.15 28.20 -17.24
N GLY A 149 5.53 29.15 -18.08
CA GLY A 149 5.71 30.52 -17.63
C GLY A 149 4.49 31.37 -17.62
N LEU A 150 3.41 30.91 -18.24
CA LEU A 150 2.19 31.69 -18.43
C LEU A 150 1.42 31.76 -17.11
N ASN A 151 1.33 32.96 -16.53
CA ASN A 151 0.68 33.09 -15.23
C ASN A 151 -0.80 33.39 -15.46
N ILE A 152 -1.63 32.35 -15.49
CA ILE A 152 -3.07 32.55 -15.54
C ILE A 152 -3.75 31.69 -14.48
N ALA A 153 -4.92 32.15 -14.03
CA ALA A 153 -5.66 31.46 -12.99
C ALA A 153 -6.31 30.18 -13.53
N PHE A 154 -6.42 29.19 -12.64
CA PHE A 154 -7.19 27.95 -12.90
C PHE A 154 -6.69 27.23 -14.15
N LYS A 155 -5.36 27.10 -14.23
CA LYS A 155 -4.72 26.41 -15.34
C LYS A 155 -5.13 24.94 -15.46
N GLY A 156 -5.69 24.35 -14.42
CA GLY A 156 -6.09 22.95 -14.48
C GLY A 156 -7.38 22.68 -15.25
N ASP A 157 -8.11 23.74 -15.62
CA ASP A 157 -9.44 23.59 -16.23
C ASP A 157 -9.39 22.75 -17.50
N ILE A 158 -10.40 21.90 -17.67
CA ILE A 158 -10.62 21.21 -18.94
C ILE A 158 -11.08 22.19 -20.00
N ASP A 159 -10.55 22.02 -21.22
CA ASP A 159 -11.01 22.73 -22.39
C ASP A 159 -12.30 22.07 -22.87
N LEU A 160 -13.43 22.76 -22.72
CA LEU A 160 -14.70 22.16 -23.10
C LEU A 160 -14.77 21.91 -24.59
N LYS A 161 -14.07 22.72 -25.41
CA LYS A 161 -14.04 22.47 -26.85
C LYS A 161 -13.36 21.13 -27.16
N LYS A 162 -12.28 20.82 -26.44
CA LYS A 162 -11.61 19.54 -26.62
C LYS A 162 -12.52 18.41 -26.20
N LEU A 163 -13.21 18.56 -25.06
CA LEU A 163 -14.13 17.53 -24.62
C LEU A 163 -15.23 17.33 -25.66
N GLN A 164 -15.80 18.43 -26.16
CA GLN A 164 -16.83 18.34 -27.19
C GLN A 164 -16.31 17.63 -28.44
N LYS A 165 -15.11 18.01 -28.89
CA LYS A 165 -14.54 17.38 -30.07
C LYS A 165 -14.41 15.87 -29.88
N LEU A 166 -13.92 15.44 -28.71
CA LEU A 166 -13.79 14.02 -28.43
C LEU A 166 -15.12 13.29 -28.53
N ILE A 167 -16.18 13.89 -27.98
CA ILE A 167 -17.51 13.27 -28.04
C ILE A 167 -17.99 13.17 -29.49
N ASP A 168 -17.70 14.18 -30.31
CA ASP A 168 -18.17 14.15 -31.68
C ASP A 168 -17.40 13.13 -32.52
N GLU A 169 -16.10 13.05 -32.34
CA GLU A 169 -15.32 12.20 -33.23
C GLU A 169 -15.37 10.75 -32.80
N LYS A 170 -15.45 10.48 -31.50
CA LYS A 170 -15.42 9.12 -31.01
C LYS A 170 -16.77 8.58 -30.60
N GLY A 171 -17.75 9.43 -30.31
CA GLY A 171 -19.02 8.96 -29.80
C GLY A 171 -18.98 8.72 -28.30
N ALA A 172 -20.04 9.11 -27.60
CA ALA A 172 -20.03 9.05 -26.14
C ALA A 172 -19.94 7.61 -25.63
N GLU A 173 -20.45 6.63 -26.39
CA GLU A 173 -20.40 5.25 -25.91
C GLU A 173 -18.99 4.69 -25.89
N ASN A 174 -18.05 5.32 -26.60
CA ASN A 174 -16.67 4.87 -26.63
C ASN A 174 -15.78 5.60 -25.62
N ILE A 175 -16.36 6.44 -24.79
CA ILE A 175 -15.62 7.12 -23.75
C ILE A 175 -15.99 6.45 -22.43
N ALA A 176 -14.99 5.87 -21.75
CA ALA A 176 -15.27 5.16 -20.52
C ALA A 176 -15.65 6.13 -19.41
N TYR A 177 -14.90 7.22 -19.28
CA TYR A 177 -15.21 8.28 -18.33
C TYR A 177 -14.27 9.45 -18.58
N ILE A 178 -14.63 10.59 -17.98
CA ILE A 178 -13.75 11.74 -17.86
C ILE A 178 -13.06 11.67 -16.51
N CYS A 179 -11.75 11.84 -16.49
CA CYS A 179 -10.95 11.85 -15.26
C CYS A 179 -10.56 13.29 -14.96
N LEU A 180 -11.20 13.91 -13.96
CA LEU A 180 -10.91 15.30 -13.64
C LEU A 180 -10.12 15.35 -12.33
N ALA A 181 -8.88 15.80 -12.41
CA ALA A 181 -7.97 15.85 -11.25
C ALA A 181 -7.98 17.24 -10.62
N VAL A 182 -8.02 17.29 -9.28
CA VAL A 182 -7.97 18.54 -8.53
C VAL A 182 -6.94 18.39 -7.40
N THR A 183 -5.95 19.29 -7.34
CA THR A 183 -5.39 20.12 -8.40
C THR A 183 -4.78 19.23 -9.48
N VAL A 184 -4.18 19.84 -10.49
CA VAL A 184 -3.47 19.09 -11.52
C VAL A 184 -1.98 19.11 -11.17
N ASN A 185 -1.47 17.96 -10.74
CA ASN A 185 -0.11 17.79 -10.23
C ASN A 185 0.94 18.19 -11.27
N LEU A 186 0.88 17.58 -12.44
CA LEU A 186 2.01 17.77 -13.32
C LEU A 186 1.98 19.09 -14.09
N ALA A 187 0.91 19.87 -13.98
CA ALA A 187 0.91 21.25 -14.49
C ALA A 187 1.53 22.21 -13.46
N GLY A 188 1.99 21.68 -12.33
CA GLY A 188 2.50 22.48 -11.26
C GLY A 188 1.60 22.65 -10.07
N GLY A 189 0.61 21.77 -9.90
CA GLY A 189 -0.31 21.90 -8.78
C GLY A 189 -1.39 22.91 -9.10
N GLN A 190 -1.86 22.93 -10.33
CA GLN A 190 -2.75 24.03 -10.75
C GLN A 190 -4.21 23.69 -10.45
N PRO A 191 -4.98 24.66 -9.97
CA PRO A 191 -6.37 24.39 -9.57
C PRO A 191 -7.34 24.39 -10.74
N VAL A 192 -8.51 23.79 -10.50
CA VAL A 192 -9.66 23.74 -11.39
C VAL A 192 -10.76 24.57 -10.76
N SER A 193 -11.45 25.37 -11.58
CA SER A 193 -12.52 26.25 -11.10
C SER A 193 -13.84 25.49 -10.93
N MET A 194 -14.68 26.00 -10.02
CA MET A 194 -16.03 25.43 -9.86
C MET A 194 -16.84 25.58 -11.13
N ALA A 195 -16.67 26.73 -11.83
CA ALA A 195 -17.40 26.90 -13.08
C ALA A 195 -17.02 25.82 -14.06
N ASN A 196 -15.76 25.41 -14.08
CA ASN A 196 -15.34 24.37 -15.01
C ASN A 196 -15.90 23.01 -14.60
N MET A 197 -15.87 22.68 -13.30
CA MET A 197 -16.47 21.41 -12.84
C MET A 197 -17.95 21.35 -13.17
N ARG A 198 -18.63 22.49 -13.07
CA ARG A 198 -20.05 22.51 -13.37
C ARG A 198 -20.31 22.38 -14.86
N ALA A 199 -19.49 23.05 -15.70
CA ALA A 199 -19.67 22.93 -17.13
C ALA A 199 -19.38 21.52 -17.63
N VAL A 200 -18.33 20.90 -17.09
CA VAL A 200 -17.99 19.53 -17.45
C VAL A 200 -19.11 18.56 -17.07
N ARG A 201 -19.66 18.72 -15.87
CA ARG A 201 -20.77 17.88 -15.45
C ARG A 201 -21.95 18.01 -16.40
N GLU A 202 -22.28 19.25 -16.77
CA GLU A 202 -23.46 19.49 -17.58
C GLU A 202 -23.30 18.85 -18.97
N LEU A 203 -22.11 18.99 -19.57
CA LEU A 203 -21.89 18.44 -20.90
C LEU A 203 -21.81 16.91 -20.86
N THR A 204 -21.10 16.33 -19.89
CA THR A 204 -21.01 14.88 -19.81
C THR A 204 -22.37 14.25 -19.52
N ALA A 205 -23.13 14.84 -18.60
CA ALA A 205 -24.43 14.27 -18.25
C ALA A 205 -25.37 14.21 -19.45
N ALA A 206 -25.33 15.24 -20.29
CA ALA A 206 -26.18 15.25 -21.47
C ALA A 206 -25.90 14.09 -22.40
N HIS A 207 -24.69 13.53 -22.35
CA HIS A 207 -24.30 12.40 -23.19
C HIS A 207 -24.23 11.09 -22.42
N GLY A 208 -24.60 11.09 -21.15
CA GLY A 208 -24.50 9.87 -20.35
C GLY A 208 -23.09 9.44 -20.01
N ILE A 209 -22.12 10.34 -20.01
CA ILE A 209 -20.72 10.00 -19.75
C ILE A 209 -20.43 10.27 -18.27
N LYS A 210 -19.76 9.30 -17.64
CA LYS A 210 -19.40 9.37 -16.24
C LYS A 210 -18.20 10.28 -16.03
N VAL A 211 -18.14 10.90 -14.85
CA VAL A 211 -17.02 11.76 -14.43
C VAL A 211 -16.52 11.24 -13.10
N PHE A 212 -15.23 10.90 -13.04
CA PHE A 212 -14.60 10.50 -11.80
C PHE A 212 -13.47 11.46 -11.47
N TYR A 213 -13.44 11.97 -10.23
CA TYR A 213 -12.41 12.94 -9.85
C TYR A 213 -11.18 12.22 -9.31
N ASP A 214 -10.01 12.78 -9.55
CA ASP A 214 -8.84 12.44 -8.73
C ASP A 214 -8.78 13.49 -7.62
N ALA A 215 -9.19 13.08 -6.42
CA ALA A 215 -9.45 13.96 -5.30
C ALA A 215 -8.19 14.30 -4.51
N THR A 216 -7.02 13.83 -4.96
CA THR A 216 -5.83 13.76 -4.12
C THR A 216 -5.46 15.10 -3.46
N ARG A 217 -5.53 16.21 -4.20
CA ARG A 217 -5.29 17.51 -3.56
C ARG A 217 -6.50 18.42 -3.67
N CYS A 218 -7.69 17.87 -3.34
CA CYS A 218 -8.93 18.63 -3.48
C CYS A 218 -9.04 19.77 -2.49
N VAL A 219 -8.35 19.69 -1.36
CA VAL A 219 -8.49 20.78 -0.39
C VAL A 219 -7.64 21.98 -0.81
N GLU A 220 -6.39 21.75 -1.23
CA GLU A 220 -5.64 22.81 -1.93
C GLU A 220 -6.48 23.44 -3.06
N ASN A 221 -7.17 22.61 -3.84
CA ASN A 221 -7.98 23.16 -4.92
C ASN A 221 -9.09 24.06 -4.40
N ALA A 222 -9.76 23.61 -3.34
CA ALA A 222 -10.83 24.42 -2.73
C ALA A 222 -10.29 25.74 -2.23
N TYR A 223 -9.07 25.75 -1.68
CA TYR A 223 -8.50 27.01 -1.22
C TYR A 223 -8.36 28.00 -2.40
N PHE A 224 -7.85 27.55 -3.55
CA PHE A 224 -7.72 28.46 -4.68
C PHE A 224 -9.08 29.02 -5.12
N ILE A 225 -10.13 28.19 -5.05
CA ILE A 225 -11.48 28.65 -5.39
C ILE A 225 -11.93 29.74 -4.41
N LYS A 226 -11.79 29.47 -3.10
CA LYS A 226 -12.12 30.49 -2.11
C LYS A 226 -11.31 31.77 -2.34
N GLU A 227 -10.02 31.62 -2.69
CA GLU A 227 -9.17 32.82 -2.80
C GLU A 227 -9.45 33.62 -4.05
N GLN A 228 -9.76 32.95 -5.18
CA GLN A 228 -9.71 33.61 -6.49
C GLN A 228 -10.97 33.52 -7.36
N GLU A 229 -11.94 32.66 -7.06
CA GLU A 229 -13.09 32.53 -7.94
C GLU A 229 -14.20 33.43 -7.42
N GLN A 230 -14.71 34.29 -8.29
CA GLN A 230 -15.72 35.26 -7.90
C GLN A 230 -16.94 34.56 -7.31
N GLY A 231 -17.41 35.06 -6.16
CA GLY A 231 -18.58 34.53 -5.49
C GLY A 231 -18.30 33.52 -4.38
N PHE A 232 -17.07 33.05 -4.24
CA PHE A 232 -16.76 32.04 -3.27
C PHE A 232 -16.02 32.58 -2.07
N GLU A 233 -15.82 33.90 -1.98
CA GLU A 233 -14.93 34.47 -0.97
C GLU A 233 -15.43 34.24 0.45
N ASN A 234 -16.74 34.09 0.62
CA ASN A 234 -17.31 33.87 1.94
C ASN A 234 -17.85 32.44 2.10
N LYS A 235 -17.44 31.53 1.24
CA LYS A 235 -17.80 30.14 1.46
C LYS A 235 -16.70 29.44 2.26
N SER A 236 -17.10 28.49 3.10
CA SER A 236 -16.10 27.75 3.84
C SER A 236 -15.41 26.74 2.91
N ILE A 237 -14.20 26.34 3.31
CA ILE A 237 -13.49 25.29 2.58
C ILE A 237 -14.37 24.04 2.46
N ALA A 238 -15.01 23.63 3.57
CA ALA A 238 -15.85 22.44 3.53
C ALA A 238 -17.02 22.59 2.55
N GLU A 239 -17.68 23.76 2.57
CA GLU A 239 -18.75 23.99 1.59
C GLU A 239 -18.24 23.87 0.17
N ILE A 240 -17.06 24.43 -0.11
CA ILE A 240 -16.51 24.37 -1.46
C ILE A 240 -16.19 22.94 -1.84
N VAL A 241 -15.56 22.21 -0.92
CA VAL A 241 -15.25 20.79 -1.17
C VAL A 241 -16.53 20.01 -1.47
N HIS A 242 -17.57 20.21 -0.67
CA HIS A 242 -18.78 19.43 -0.89
C HIS A 242 -19.41 19.78 -2.23
N GLU A 243 -19.44 21.07 -2.60
CA GLU A 243 -20.00 21.41 -3.91
C GLU A 243 -19.16 20.83 -5.05
N MET A 244 -17.83 20.87 -4.93
CA MET A 244 -16.98 20.28 -5.96
C MET A 244 -17.40 18.85 -6.29
N PHE A 245 -17.47 18.00 -5.27
CA PHE A 245 -17.76 16.60 -5.58
C PHE A 245 -19.21 16.36 -6.00
N SER A 246 -20.11 17.32 -5.77
CA SER A 246 -21.46 17.19 -6.30
C SER A 246 -21.48 17.14 -7.83
N TYR A 247 -20.38 17.49 -8.51
CA TYR A 247 -20.36 17.42 -9.97
C TYR A 247 -19.66 16.15 -10.47
N ALA A 248 -19.47 15.15 -9.61
CA ALA A 248 -18.76 13.94 -9.98
C ALA A 248 -19.62 12.72 -9.67
N ASP A 249 -19.28 11.60 -10.32
CA ASP A 249 -19.92 10.32 -10.07
C ASP A 249 -19.15 9.47 -9.05
N GLY A 250 -17.94 9.89 -8.70
CA GLY A 250 -17.09 9.14 -7.80
C GLY A 250 -15.72 9.79 -7.79
N CYS A 251 -14.83 9.18 -7.02
CA CYS A 251 -13.47 9.73 -6.96
C CYS A 251 -12.52 8.64 -6.52
N THR A 252 -11.25 8.84 -6.88
CA THR A 252 -10.12 8.14 -6.26
C THR A 252 -9.41 9.12 -5.36
N MET A 253 -8.93 8.66 -4.22
CA MET A 253 -8.27 9.60 -3.32
C MET A 253 -7.01 8.97 -2.76
N SER A 254 -5.88 9.67 -2.85
CA SER A 254 -4.71 9.32 -2.04
C SER A 254 -4.77 10.16 -0.77
N GLY A 255 -5.17 9.56 0.35
CA GLY A 255 -5.22 10.30 1.60
C GLY A 255 -3.86 10.79 2.04
N LYS A 256 -2.80 10.18 1.52
CA LYS A 256 -1.42 10.55 1.75
C LYS A 256 -1.11 11.98 1.33
N LYS A 257 -2.00 12.63 0.59
CA LYS A 257 -1.81 14.06 0.30
C LYS A 257 -2.71 14.84 1.24
N ASP A 258 -3.89 15.26 0.76
CA ASP A 258 -4.62 16.25 1.55
C ASP A 258 -5.35 15.67 2.78
N CYS A 259 -5.39 14.34 3.02
CA CYS A 259 -5.93 13.89 4.32
C CYS A 259 -4.87 13.90 5.42
N LEU A 260 -3.67 14.48 5.20
CA LEU A 260 -2.71 14.72 6.29
C LEU A 260 -2.28 13.43 7.00
N VAL A 261 -2.07 12.35 6.24
CA VAL A 261 -1.62 11.09 6.81
C VAL A 261 -0.39 10.55 6.08
N ASN A 262 0.16 9.47 6.63
CA ASN A 262 1.36 8.84 6.10
C ASN A 262 1.06 7.63 5.23
N ILE A 263 -0.19 7.21 5.17
CA ILE A 263 -0.59 6.04 4.37
C ILE A 263 -2.11 6.13 4.32
N GLY A 264 -2.74 5.56 3.29
CA GLY A 264 -4.18 5.57 3.22
C GLY A 264 -4.74 6.15 1.93
N GLY A 265 -5.88 5.60 1.49
CA GLY A 265 -6.61 6.13 0.34
C GLY A 265 -8.00 5.55 0.30
N PHE A 266 -8.78 5.91 -0.72
CA PHE A 266 -10.09 5.29 -0.85
C PHE A 266 -10.68 5.55 -2.24
N LEU A 267 -11.71 4.76 -2.56
CA LEU A 267 -12.51 4.89 -3.77
C LEU A 267 -13.94 5.23 -3.35
N CYS A 268 -14.50 6.30 -3.92
CA CYS A 268 -15.91 6.64 -3.68
C CYS A 268 -16.72 6.50 -4.95
N MET A 269 -17.99 6.14 -4.78
CA MET A 269 -18.88 6.16 -5.93
C MET A 269 -20.32 6.29 -5.44
N ASN A 270 -21.19 6.74 -6.34
CA ASN A 270 -22.62 6.80 -6.05
C ASN A 270 -23.39 5.58 -6.54
N ASP A 271 -22.91 4.89 -7.56
CA ASP A 271 -23.65 3.81 -8.19
C ASP A 271 -23.59 2.51 -7.37
N ASP A 272 -24.75 1.89 -7.14
CA ASP A 272 -24.83 0.70 -6.28
C ASP A 272 -24.16 -0.52 -6.91
N GLU A 273 -24.37 -0.73 -8.21
CA GLU A 273 -23.78 -1.91 -8.85
C GLU A 273 -22.26 -1.78 -8.92
N MET A 274 -21.76 -0.58 -9.21
CA MET A 274 -20.31 -0.37 -9.20
C MET A 274 -19.73 -0.61 -7.81
N PHE A 275 -20.45 -0.17 -6.76
CA PHE A 275 -19.98 -0.45 -5.40
C PHE A 275 -19.95 -1.96 -5.12
N SER A 276 -20.97 -2.70 -5.57
CA SER A 276 -20.95 -4.15 -5.38
C SER A 276 -19.74 -4.78 -6.06
N SER A 277 -19.50 -4.38 -7.32
CA SER A 277 -18.35 -4.89 -8.05
C SER A 277 -17.04 -4.47 -7.38
N ALA A 278 -16.97 -3.23 -6.88
CA ALA A 278 -15.73 -2.78 -6.25
C ALA A 278 -15.40 -3.62 -5.01
N LYS A 279 -16.43 -4.10 -4.31
CA LYS A 279 -16.18 -4.87 -3.10
C LYS A 279 -15.63 -6.25 -3.43
N GLU A 280 -16.12 -6.87 -4.52
CA GLU A 280 -15.53 -8.12 -4.98
C GLU A 280 -14.07 -7.95 -5.30
N LEU A 281 -13.73 -6.87 -5.99
CA LEU A 281 -12.38 -6.66 -6.46
C LEU A 281 -11.43 -6.27 -5.33
N VAL A 282 -11.91 -5.48 -4.34
CA VAL A 282 -10.98 -4.99 -3.34
C VAL A 282 -10.41 -6.16 -2.53
N VAL A 283 -11.20 -7.23 -2.39
CA VAL A 283 -10.78 -8.37 -1.59
C VAL A 283 -9.53 -9.00 -2.18
N VAL A 284 -9.45 -9.00 -3.51
CA VAL A 284 -8.36 -9.66 -4.21
C VAL A 284 -7.05 -8.88 -4.05
N TYR A 285 -7.12 -7.57 -4.14
CA TYR A 285 -5.94 -6.69 -4.20
C TYR A 285 -5.58 -6.05 -2.88
N GLU A 286 -6.56 -5.67 -2.06
CA GLU A 286 -6.30 -4.79 -0.93
C GLU A 286 -6.58 -5.46 0.41
N GLY A 287 -7.79 -5.99 0.56
CA GLY A 287 -8.30 -6.52 1.83
C GLY A 287 -9.82 -6.48 1.77
N MET A 288 -10.45 -6.86 2.89
CA MET A 288 -11.89 -6.83 2.96
C MET A 288 -12.37 -5.38 2.82
N PRO A 289 -13.60 -5.18 2.32
CA PRO A 289 -14.12 -3.80 2.18
C PRO A 289 -14.17 -3.03 3.47
N SER A 290 -14.05 -3.72 4.61
CA SER A 290 -14.11 -3.14 5.93
C SER A 290 -12.77 -2.61 6.44
N TYR A 291 -11.67 -2.78 5.69
CA TYR A 291 -10.40 -2.13 6.07
C TYR A 291 -9.53 -1.84 4.83
N GLY A 292 -9.75 -2.53 3.71
CA GLY A 292 -9.10 -2.14 2.44
C GLY A 292 -7.58 -2.02 2.49
N GLY A 293 -6.91 -2.89 3.23
CA GLY A 293 -5.45 -2.86 3.25
C GLY A 293 -4.85 -1.85 4.22
N LEU A 294 -5.66 -1.32 5.15
CA LEU A 294 -5.22 -0.37 6.18
C LEU A 294 -5.43 -0.92 7.58
N ALA A 295 -4.51 -0.63 8.48
CA ALA A 295 -4.78 -0.87 9.90
C ALA A 295 -5.94 0.03 10.35
N GLY A 296 -6.68 -0.42 11.36
CA GLY A 296 -7.76 0.41 11.89
C GLY A 296 -7.27 1.80 12.28
N ARG A 297 -6.14 1.88 12.98
CA ARG A 297 -5.63 3.16 13.43
C ARG A 297 -5.36 4.10 12.25
N ASP A 298 -5.09 3.57 11.06
CA ASP A 298 -4.86 4.49 9.92
C ASP A 298 -6.17 4.94 9.28
N MET A 299 -7.20 4.10 9.26
CA MET A 299 -8.53 4.61 8.90
C MET A 299 -8.94 5.75 9.81
N GLU A 300 -8.64 5.60 11.10
CA GLU A 300 -8.93 6.64 12.09
C GLU A 300 -8.14 7.92 11.82
N ALA A 301 -6.83 7.79 11.62
CA ALA A 301 -6.03 9.00 11.39
C ALA A 301 -6.48 9.73 10.13
N MET A 302 -6.90 8.97 9.12
CA MET A 302 -7.33 9.61 7.87
C MET A 302 -8.70 10.28 8.04
N ALA A 303 -9.62 9.66 8.81
CA ALA A 303 -10.89 10.31 9.10
C ALA A 303 -10.64 11.63 9.83
N ILE A 304 -9.71 11.63 10.79
CA ILE A 304 -9.46 12.84 11.56
C ILE A 304 -8.76 13.89 10.68
N GLY A 305 -7.79 13.45 9.88
CA GLY A 305 -7.00 14.42 9.12
C GLY A 305 -7.80 15.07 8.01
N LEU A 306 -8.72 14.32 7.39
CA LEU A 306 -9.53 14.95 6.34
C LEU A 306 -10.37 16.08 6.92
N ARG A 307 -10.90 15.89 8.12
CA ARG A 307 -11.66 16.98 8.74
C ARG A 307 -10.76 18.16 9.15
N GLU A 308 -9.53 17.89 9.64
CA GLU A 308 -8.60 18.97 9.98
C GLU A 308 -8.24 19.80 8.77
N ALA A 309 -8.12 19.13 7.62
CA ALA A 309 -7.74 19.84 6.40
C ALA A 309 -8.75 20.91 6.02
N MET A 310 -10.00 20.81 6.50
CA MET A 310 -11.00 21.81 6.16
CA MET A 310 -11.04 21.79 6.19
C MET A 310 -10.84 23.12 6.92
N GLN A 311 -9.90 23.20 7.86
CA GLN A 311 -9.70 24.44 8.62
C GLN A 311 -9.05 25.49 7.71
N TYR A 312 -9.72 26.63 7.52
CA TYR A 312 -9.23 27.65 6.62
C TYR A 312 -7.78 28.04 6.91
N GLU A 313 -7.46 28.30 8.19
CA GLU A 313 -6.13 28.83 8.46
C GLU A 313 -5.05 27.82 8.15
N TYR A 314 -5.33 26.53 8.36
CA TYR A 314 -4.38 25.47 8.03
C TYR A 314 -4.08 25.49 6.53
N ILE A 315 -5.12 25.48 5.70
CA ILE A 315 -4.85 25.31 4.27
C ILE A 315 -4.34 26.63 3.65
N GLU A 316 -4.78 27.77 4.16
CA GLU A 316 -4.20 29.06 3.75
C GLU A 316 -2.70 29.07 4.00
N HIS A 317 -2.28 28.68 5.20
CA HIS A 317 -0.85 28.64 5.49
C HIS A 317 -0.14 27.61 4.61
N ARG A 318 -0.75 26.43 4.43
CA ARG A 318 -0.14 25.40 3.61
C ARG A 318 0.24 25.99 2.24
N VAL A 319 -0.75 26.56 1.56
CA VAL A 319 -0.57 27.10 0.22
C VAL A 319 0.37 28.31 0.23
N LYS A 320 0.23 29.23 1.21
CA LYS A 320 1.08 30.42 1.16
C LYS A 320 2.54 30.13 1.54
N GLN A 321 2.79 29.05 2.27
CA GLN A 321 4.17 28.67 2.53
C GLN A 321 4.84 28.22 1.24
N VAL A 322 4.14 27.43 0.42
CA VAL A 322 4.66 27.11 -0.92
C VAL A 322 4.86 28.38 -1.72
N ARG A 323 3.87 29.28 -1.68
CA ARG A 323 3.97 30.52 -2.44
C ARG A 323 5.18 31.36 -2.00
N TYR A 324 5.48 31.37 -0.70
CA TYR A 324 6.68 32.07 -0.22
C TYR A 324 7.95 31.59 -0.90
N LEU A 325 8.14 30.27 -0.95
CA LEU A 325 9.30 29.73 -1.65
C LEU A 325 9.30 30.17 -3.10
N GLY A 326 8.14 30.08 -3.76
CA GLY A 326 8.11 30.46 -5.16
C GLY A 326 8.40 31.94 -5.36
N ASP A 327 7.86 32.78 -4.47
CA ASP A 327 8.07 34.23 -4.58
C ASP A 327 9.53 34.59 -4.37
N LYS A 328 10.21 33.88 -3.47
CA LYS A 328 11.60 34.23 -3.20
C LYS A 328 12.48 33.81 -4.38
N LEU A 329 12.19 32.66 -4.98
CA LEU A 329 12.94 32.22 -6.16
C LEU A 329 12.68 33.14 -7.35
N LYS A 330 11.42 33.53 -7.56
CA LYS A 330 11.09 34.41 -8.69
C LYS A 330 11.71 35.79 -8.50
N ALA A 331 11.77 36.29 -7.27
CA ALA A 331 12.38 37.61 -7.06
C ALA A 331 13.86 37.60 -7.40
N ALA A 332 14.50 36.45 -7.31
CA ALA A 332 15.92 36.37 -7.64
C ALA A 332 16.16 36.01 -9.10
N GLY A 333 15.12 35.87 -9.91
CA GLY A 333 15.29 35.53 -11.32
C GLY A 333 15.31 34.05 -11.64
N VAL A 334 15.09 33.18 -10.66
CA VAL A 334 15.10 31.72 -10.92
C VAL A 334 13.85 31.33 -11.70
N PRO A 335 13.96 30.63 -12.84
CA PRO A 335 12.76 30.31 -13.64
C PRO A 335 11.93 29.19 -13.01
N ILE A 336 10.64 29.44 -12.88
CA ILE A 336 9.74 28.49 -12.24
C ILE A 336 8.47 28.39 -13.06
N VAL A 337 7.74 27.31 -12.83
CA VAL A 337 6.37 27.22 -13.30
C VAL A 337 5.52 28.25 -12.56
N GLU A 338 4.68 28.96 -13.29
CA GLU A 338 3.80 29.97 -12.72
C GLU A 338 2.36 29.68 -13.13
N PRO A 339 1.38 30.08 -12.31
CA PRO A 339 1.48 30.55 -10.93
C PRO A 339 1.94 29.40 -10.04
N VAL A 340 2.45 29.70 -8.85
CA VAL A 340 2.85 28.63 -7.96
C VAL A 340 1.62 27.83 -7.57
N GLY A 341 1.77 26.50 -7.56
CA GLY A 341 0.67 25.61 -7.28
C GLY A 341 0.50 25.38 -5.80
N GLY A 342 -0.38 24.43 -5.48
CA GLY A 342 -0.76 24.24 -4.09
C GLY A 342 0.25 23.50 -3.24
N HIS A 343 1.10 22.65 -3.86
CA HIS A 343 1.87 21.68 -3.07
C HIS A 343 3.38 21.73 -3.28
N ALA A 344 3.88 22.55 -4.22
CA ALA A 344 5.27 22.44 -4.65
C ALA A 344 5.58 23.64 -5.51
N VAL A 345 6.86 23.97 -5.59
CA VAL A 345 7.39 24.88 -6.60
C VAL A 345 8.09 24.01 -7.64
N PHE A 346 7.81 24.24 -8.90
N PHE A 346 7.86 24.28 -8.91
CA PHE A 346 8.44 23.53 -10.01
CA PHE A 346 8.42 23.51 -10.01
C PHE A 346 9.45 24.46 -10.66
C PHE A 346 9.49 24.36 -10.70
N LEU A 347 10.73 24.15 -10.53
N LEU A 347 10.74 23.94 -10.57
CA LEU A 347 11.73 24.84 -11.33
CA LEU A 347 11.87 24.63 -11.20
C LEU A 347 11.55 24.45 -12.80
C LEU A 347 11.97 24.24 -12.67
N ASP A 348 11.64 25.44 -13.69
N ASP A 348 11.87 25.22 -13.57
CA ASP A 348 11.52 25.21 -15.14
CA ASP A 348 11.94 24.95 -14.99
C ASP A 348 12.90 24.81 -15.63
C ASP A 348 13.36 24.52 -15.35
N ALA A 349 13.11 23.49 -15.70
N ALA A 349 13.51 23.24 -15.71
CA ALA A 349 14.41 22.94 -16.05
CA ALA A 349 14.82 22.69 -16.01
C ALA A 349 14.81 23.30 -17.47
C ALA A 349 15.38 23.23 -17.31
N ARG A 350 13.84 23.53 -18.37
N ARG A 350 14.52 23.43 -18.31
CA ARG A 350 14.17 23.98 -19.72
CA ARG A 350 14.96 23.95 -19.61
C ARG A 350 14.92 25.31 -19.70
C ARG A 350 15.67 25.29 -19.47
N ARG A 351 14.56 26.21 -18.76
N ARG A 351 15.04 26.24 -18.77
CA ARG A 351 15.19 27.52 -18.68
CA ARG A 351 15.57 27.59 -18.69
C ARG A 351 16.41 27.52 -17.78
C ARG A 351 16.59 27.78 -17.58
N PHE A 352 16.38 26.71 -16.72
N PHE A 352 16.62 26.89 -16.59
CA PHE A 352 17.56 26.56 -15.88
CA PHE A 352 17.55 27.04 -15.47
C PHE A 352 18.73 26.01 -16.69
C PHE A 352 18.99 26.87 -15.94
N CYS A 353 18.42 25.11 -17.64
N CYS A 353 19.28 25.75 -16.59
CA CYS A 353 19.43 24.37 -18.38
CA CYS A 353 20.62 25.43 -17.07
C CYS A 353 19.21 24.55 -19.89
C CYS A 353 20.65 25.57 -18.59
N GLU A 354 19.21 25.81 -20.33
N GLU A 354 21.10 26.72 -19.08
CA GLU A 354 19.00 26.08 -21.75
CA GLU A 354 21.25 26.95 -20.52
C GLU A 354 20.13 25.52 -22.62
C GLU A 354 22.58 26.45 -21.05
N HIS A 355 21.28 25.21 -22.01
N HIS A 355 23.62 26.45 -20.23
CA HIS A 355 22.39 24.58 -22.73
CA HIS A 355 24.96 26.07 -20.69
C HIS A 355 22.15 23.11 -23.04
C HIS A 355 25.11 24.57 -20.90
N LEU A 356 21.06 22.51 -22.54
N LEU A 356 24.09 23.77 -20.56
CA LEU A 356 20.76 21.10 -22.76
CA LEU A 356 24.10 22.32 -20.71
C LEU A 356 19.46 20.95 -23.55
C LEU A 356 23.02 21.90 -21.70
N THR A 357 19.42 19.95 -24.44
N THR A 357 23.31 20.87 -22.49
CA THR A 357 18.16 19.54 -25.06
CA THR A 357 22.34 20.31 -23.40
C THR A 357 17.38 18.63 -24.10
C THR A 357 21.46 19.31 -22.66
N GLN A 358 16.11 18.40 -24.41
N GLN A 358 20.35 18.89 -23.28
CA GLN A 358 15.30 17.55 -23.52
CA GLN A 358 19.44 17.98 -22.60
C GLN A 358 15.70 16.09 -23.59
C GLN A 358 20.09 16.61 -22.35
N ASP A 359 16.40 15.66 -24.65
N ASP A 359 20.96 16.17 -23.26
CA ASP A 359 16.91 14.30 -24.71
CA ASP A 359 21.67 14.91 -23.03
C ASP A 359 18.16 14.08 -23.88
C ASP A 359 22.64 14.99 -21.86
N GLU A 360 18.70 15.14 -23.27
N GLU A 360 22.86 16.18 -21.29
CA GLU A 360 19.79 15.03 -22.30
CA GLU A 360 23.69 16.35 -20.12
C GLU A 360 19.27 15.03 -20.87
C GLU A 360 22.92 16.18 -18.81
N PHE A 361 17.95 15.06 -20.69
N PHE A 361 21.58 16.06 -18.88
CA PHE A 361 17.24 14.96 -19.42
CA PHE A 361 20.66 15.84 -17.76
C PHE A 361 17.62 16.06 -18.44
C PHE A 361 20.64 17.03 -16.79
N PRO A 362 17.44 17.33 -18.81
N PRO A 362 20.26 18.22 -17.26
CA PRO A 362 17.88 18.41 -17.91
CA PRO A 362 20.32 19.39 -16.36
C PRO A 362 17.20 18.38 -16.58
C PRO A 362 19.44 19.24 -15.12
N ALA A 363 15.91 18.02 -16.52
N ALA A 363 18.27 18.63 -15.24
CA ALA A 363 15.23 17.95 -15.23
CA ALA A 363 17.40 18.45 -14.09
C ALA A 363 15.86 16.88 -14.34
C ALA A 363 18.04 17.57 -13.02
N GLN A 364 16.05 15.67 -14.86
N GLN A 364 18.70 16.49 -13.45
CA GLN A 364 16.70 14.64 -14.06
CA GLN A 364 19.28 15.56 -12.48
C GLN A 364 18.07 15.12 -13.58
C GLN A 364 20.46 16.21 -11.77
N SER A 365 18.81 15.81 -14.46
N SER A 365 21.28 16.97 -12.50
CA SER A 365 20.15 16.24 -14.08
CA SER A 365 22.40 17.68 -11.91
C SER A 365 20.12 17.39 -13.09
C SER A 365 21.99 18.95 -11.18
N LEU A 366 19.15 18.30 -13.24
N LEU A 366 20.83 19.52 -11.54
CA LEU A 366 19.04 19.41 -12.31
CA LEU A 366 20.26 20.62 -10.77
C LEU A 366 18.73 18.93 -10.90
C LEU A 366 19.88 20.17 -9.37
N ALA A 367 17.85 17.93 -10.78
N ALA A 367 19.18 19.04 -9.26
CA ALA A 367 17.55 17.36 -9.46
CA ALA A 367 18.79 18.54 -7.94
C ALA A 367 18.79 16.82 -8.79
C ALA A 367 20.01 18.07 -7.15
N ALA A 368 19.63 16.09 -9.53
N ALA A 368 20.99 17.47 -7.81
CA ALA A 368 20.87 15.56 -8.97
CA ALA A 368 22.16 17.02 -7.09
C ALA A 368 21.78 16.69 -8.49
C ALA A 368 22.89 18.19 -6.42
N SER A 369 21.94 17.73 -9.31
N SER A 369 23.03 19.30 -7.13
CA SER A 369 22.85 18.81 -8.92
CA SER A 369 23.73 20.44 -6.53
C SER A 369 22.33 19.57 -7.70
C SER A 369 22.92 21.08 -5.42
N ILE A 370 21.02 19.75 -7.58
N ILE A 370 21.58 21.06 -5.53
CA ILE A 370 20.45 20.34 -6.37
CA ILE A 370 20.70 21.63 -4.50
C ILE A 370 20.82 19.53 -5.13
C ILE A 370 20.80 20.85 -3.19
N TYR A 371 20.75 18.21 -5.21
N TYR A 371 21.12 19.57 -3.28
CA TYR A 371 21.12 17.45 -4.03
CA TYR A 371 21.37 18.82 -2.06
C TYR A 371 22.61 17.58 -3.75
C TYR A 371 22.75 19.10 -1.49
N VAL A 372 23.44 17.55 -4.79
N VAL A 372 23.78 19.17 -2.34
CA VAL A 372 24.87 17.59 -4.58
CA VAL A 372 25.15 19.30 -1.85
C VAL A 372 25.29 18.91 -3.93
C VAL A 372 25.35 20.64 -1.14
N GLU A 373 24.74 20.03 -4.42
N GLU A 373 24.79 21.72 -1.69
CA GLU A 373 25.13 21.34 -3.91
CA GLU A 373 25.02 23.04 -1.10
C GLU A 373 24.39 21.74 -2.64
C GLU A 373 24.09 23.39 0.04
N THR A 374 23.26 21.10 -2.31
N THR A 374 22.96 22.71 0.15
CA THR A 374 22.42 21.59 -1.23
CA THR A 374 21.96 23.09 1.14
C THR A 374 22.04 20.54 -0.19
C THR A 374 21.39 21.90 1.89
N GLY A 375 22.11 19.25 -0.53
N GLY A 375 21.12 20.79 1.21
CA GLY A 375 21.52 18.25 0.35
CA GLY A 375 20.62 19.59 1.88
C GLY A 375 20.01 18.20 0.32
C GLY A 375 19.23 19.16 1.46
N VAL A 376 19.36 19.03 -0.49
N VAL A 376 18.85 19.42 0.20
CA VAL A 376 17.91 19.07 -0.54
CA VAL A 376 17.48 19.24 -0.30
C VAL A 376 17.48 18.08 -1.61
C VAL A 376 17.45 18.19 -1.41
N ARG A 377 16.55 17.22 -1.27
CA ARG A 377 16.11 16.30 -2.30
C ARG A 377 14.88 16.87 -3.00
N SER A 378 14.87 16.79 -4.36
CA SER A 378 13.74 17.14 -5.20
C SER A 378 13.48 16.05 -6.25
N MET A 379 12.35 16.10 -6.95
CA MET A 379 11.94 15.06 -7.90
C MET A 379 11.93 15.54 -9.37
N GLU A 380 12.40 14.67 -10.27
CA GLU A 380 12.23 14.85 -11.71
C GLU A 380 10.74 14.82 -12.09
N ARG A 381 10.29 15.86 -12.88
CA ARG A 381 8.92 15.86 -13.42
C ARG A 381 9.02 16.36 -14.87
N GLY A 382 9.42 15.46 -15.76
CA GLY A 382 9.64 15.83 -17.14
C GLY A 382 9.67 14.59 -17.99
N ILE A 383 10.56 14.59 -18.99
CA ILE A 383 10.56 13.53 -20.00
C ILE A 383 10.79 12.15 -19.36
N ILE A 384 11.54 12.06 -18.26
CA ILE A 384 11.77 10.75 -17.65
C ILE A 384 10.47 10.20 -17.08
N SER A 385 9.74 11.03 -16.32
CA SER A 385 8.46 10.60 -15.75
C SER A 385 7.39 10.35 -16.81
N ALA A 386 7.46 11.02 -17.97
CA ALA A 386 6.41 10.91 -18.97
C ALA A 386 6.37 9.55 -19.65
N GLY A 387 7.44 8.75 -19.53
CA GLY A 387 7.45 7.41 -20.07
C GLY A 387 7.60 7.38 -21.58
N ARG A 388 7.43 6.20 -22.13
CA ARG A 388 7.52 6.00 -23.57
C ARG A 388 6.13 5.78 -24.15
N ASN A 389 6.03 6.08 -25.45
CA ASN A 389 4.82 5.80 -26.20
C ASN A 389 4.70 4.30 -26.42
N ASN A 390 3.59 3.71 -25.96
CA ASN A 390 3.46 2.26 -26.06
C ASN A 390 3.19 1.77 -27.46
N VAL A 391 3.14 2.65 -28.46
CA VAL A 391 2.95 2.27 -29.85
C VAL A 391 4.24 2.45 -30.66
N THR A 392 4.94 3.57 -30.46
CA THR A 392 6.15 3.87 -31.22
C THR A 392 7.44 3.52 -30.50
N GLY A 393 7.42 3.47 -29.17
CA GLY A 393 8.60 3.22 -28.38
C GLY A 393 9.47 4.43 -28.10
N GLU A 394 9.06 5.62 -28.54
CA GLU A 394 9.81 6.85 -28.36
C GLU A 394 9.34 7.56 -27.10
N HIS A 395 10.19 8.45 -26.58
CA HIS A 395 9.82 9.25 -25.42
C HIS A 395 8.51 10.00 -25.68
N HIS A 396 7.62 9.99 -24.70
CA HIS A 396 6.69 11.10 -24.60
C HIS A 396 7.52 12.35 -24.33
N ARG A 397 7.18 13.46 -24.99
CA ARG A 397 7.96 14.69 -24.91
C ARG A 397 7.11 15.79 -24.31
N PRO A 398 7.06 15.91 -22.99
CA PRO A 398 6.28 17.01 -22.39
C PRO A 398 6.96 18.35 -22.62
N LYS A 399 6.14 19.38 -22.88
CA LYS A 399 6.67 20.74 -22.86
C LYS A 399 7.18 21.09 -21.47
N LEU A 400 6.54 20.57 -20.41
CA LEU A 400 6.95 20.87 -19.04
C LEU A 400 8.07 19.92 -18.65
N GLU A 401 9.30 20.43 -18.61
CA GLU A 401 10.47 19.71 -18.08
C GLU A 401 10.88 20.41 -16.80
N THR A 402 10.48 19.84 -15.65
CA THR A 402 10.53 20.54 -14.37
C THR A 402 11.18 19.67 -13.30
N VAL A 403 11.67 20.36 -12.27
CA VAL A 403 12.20 19.75 -11.05
C VAL A 403 11.36 20.25 -9.89
N ARG A 404 10.80 19.33 -9.12
CA ARG A 404 9.76 19.66 -8.18
C ARG A 404 10.33 19.74 -6.77
N LEU A 405 10.12 20.88 -6.11
CA LEU A 405 10.43 21.09 -4.70
C LEU A 405 9.10 20.91 -3.98
N THR A 406 8.84 19.70 -3.52
CA THR A 406 7.52 19.30 -3.05
C THR A 406 7.47 19.45 -1.53
N ILE A 407 6.43 20.10 -1.03
CA ILE A 407 6.42 20.49 0.38
C ILE A 407 5.47 19.56 1.16
N PRO A 408 5.98 18.70 2.04
CA PRO A 408 5.09 17.96 2.95
C PRO A 408 4.31 18.91 3.87
N ARG A 409 3.10 18.49 4.26
CA ARG A 409 2.23 19.37 5.03
C ARG A 409 2.64 19.40 6.49
N ARG A 410 2.80 20.62 7.03
CA ARG A 410 3.04 20.83 8.48
C ARG A 410 4.40 20.33 8.96
N VAL A 411 5.41 20.20 8.08
CA VAL A 411 6.69 19.61 8.45
C VAL A 411 7.80 20.65 8.56
N TYR A 412 7.83 21.61 7.63
CA TYR A 412 8.90 22.60 7.53
C TYR A 412 8.39 24.00 7.86
N THR A 413 9.34 24.91 8.07
CA THR A 413 9.09 26.32 8.42
C THR A 413 9.53 27.24 7.28
N TYR A 414 9.23 28.55 7.41
CA TYR A 414 9.74 29.51 6.44
C TYR A 414 11.26 29.58 6.47
N ALA A 415 11.87 29.27 7.63
CA ALA A 415 13.33 29.30 7.67
C ALA A 415 13.89 28.17 6.84
N HIS A 416 13.21 27.02 6.84
CA HIS A 416 13.62 25.93 5.97
C HIS A 416 13.44 26.32 4.51
N MET A 417 12.33 27.01 4.19
CA MET A 417 12.15 27.52 2.83
C MET A 417 13.26 28.48 2.43
N ASP A 418 13.75 29.30 3.36
CA ASP A 418 14.84 30.21 3.03
C ASP A 418 16.14 29.45 2.73
N VAL A 419 16.41 28.38 3.48
CA VAL A 419 17.58 27.54 3.20
C VAL A 419 17.51 26.99 1.79
N VAL A 420 16.34 26.44 1.45
CA VAL A 420 16.13 25.91 0.10
C VAL A 420 16.34 27.01 -0.95
N ALA A 421 15.60 28.12 -0.84
CA ALA A 421 15.71 29.20 -1.83
C ALA A 421 17.14 29.71 -1.94
N ASP A 422 17.82 29.92 -0.81
CA ASP A 422 19.20 30.43 -0.88
CA ASP A 422 19.20 30.41 -0.86
C ASP A 422 20.10 29.46 -1.64
N GLY A 423 19.92 28.16 -1.43
CA GLY A 423 20.75 27.19 -2.11
C GLY A 423 20.48 27.15 -3.60
N ILE A 424 19.22 27.26 -3.99
CA ILE A 424 18.89 27.19 -5.41
C ILE A 424 19.36 28.43 -6.13
N ILE A 425 19.25 29.59 -5.46
CA ILE A 425 19.70 30.83 -6.06
C ILE A 425 21.20 30.78 -6.33
N LYS A 426 21.95 30.12 -5.44
CA LYS A 426 23.39 30.02 -5.65
C LYS A 426 23.71 29.08 -6.80
N LEU A 427 23.06 27.92 -6.84
CA LEU A 427 23.22 27.05 -8.00
C LEU A 427 22.81 27.75 -9.30
N TYR A 428 21.82 28.65 -9.25
N TYR A 428 22.06 28.87 -9.19
CA TYR A 428 21.42 29.32 -10.49
CA TYR A 428 21.67 29.73 -10.31
C TYR A 428 22.59 30.05 -11.13
C TYR A 428 22.47 31.04 -10.41
N GLN A 429 23.51 30.56 -10.30
N GLN A 429 22.94 31.63 -9.31
CA GLN A 429 24.62 31.38 -10.77
CA GLN A 429 23.75 32.85 -9.41
C GLN A 429 25.60 30.62 -11.64
C GLN A 429 25.09 32.57 -10.09
N HIS A 430 25.64 29.30 -11.56
N HIS A 430 25.73 31.47 -9.71
CA HIS A 430 26.53 28.50 -12.39
CA HIS A 430 26.83 30.89 -10.50
C HIS A 430 25.77 27.35 -13.05
C HIS A 430 26.31 29.70 -11.27
N LYS A 431 24.57 27.65 -13.56
N LYS A 431 25.20 29.91 -11.99
CA LYS A 431 23.72 26.65 -14.19
CA LYS A 431 24.53 28.81 -12.68
C LYS A 431 24.39 25.94 -15.37
C LYS A 431 25.48 28.07 -13.62
N GLU A 432 25.39 26.58 -15.99
N GLU A 432 26.33 28.81 -14.33
CA GLU A 432 26.05 26.01 -17.16
CA GLU A 432 27.21 28.21 -15.31
C GLU A 432 26.88 24.78 -16.82
C GLU A 432 28.37 27.43 -14.68
N ASP A 433 27.07 24.49 -15.54
N ASP A 433 28.41 27.34 -13.35
CA ASP A 433 27.86 23.37 -15.04
CA ASP A 433 29.48 26.64 -12.64
C ASP A 433 27.08 22.07 -15.00
C ASP A 433 29.20 25.17 -12.40
N ILE A 434 25.79 22.08 -15.28
N ILE A 434 27.97 24.71 -12.59
CA ILE A 434 24.95 20.90 -15.17
CA ILE A 434 27.63 23.30 -12.40
C ILE A 434 25.04 20.13 -16.49
C ILE A 434 27.63 22.60 -13.75
N ARG A 435 25.50 18.89 -16.41
N ARG A 435 28.02 21.33 -13.75
CA ARG A 435 25.72 18.04 -17.58
CA ARG A 435 28.23 20.59 -14.98
C ARG A 435 24.46 17.23 -17.91
C ARG A 435 27.26 19.42 -15.09
N GLY A 436 24.37 16.81 -19.16
N GLY A 436 27.08 18.96 -16.32
CA GLY A 436 23.29 15.95 -19.55
CA GLY A 436 26.13 17.92 -16.63
C GLY A 436 23.47 14.53 -19.04
C GLY A 436 26.61 16.56 -16.16
N LEU A 437 22.39 13.77 -19.06
N LEU A 437 25.87 15.55 -16.59
CA LEU A 437 22.35 12.39 -18.60
CA LEU A 437 26.05 14.19 -16.09
C LEU A 437 21.90 11.46 -19.73
C LEU A 437 25.98 13.20 -17.24
N LYS A 438 22.28 10.19 -19.63
N LYS A 438 26.65 12.07 -17.05
CA LYS A 438 21.74 9.13 -20.48
CA LYS A 438 26.53 10.93 -17.95
C LYS A 438 21.41 7.91 -19.62
C LYS A 438 26.15 9.71 -17.12
N PHE A 439 20.46 7.12 -20.09
N PHE A 439 25.69 8.66 -17.82
CA PHE A 439 20.04 5.91 -19.38
CA PHE A 439 25.29 7.43 -17.15
C PHE A 439 21.16 4.87 -19.36
C PHE A 439 26.51 6.57 -16.81
N ILE A 440 21.40 4.28 -18.19
N ILE A 440 26.50 6.02 -15.60
CA ILE A 440 22.11 3.00 -18.13
CA ILE A 440 27.44 4.97 -15.21
C ILE A 440 21.20 1.86 -17.68
C ILE A 440 26.74 3.64 -14.96
N TYR A 441 20.06 2.16 -17.05
N TYR A 441 25.44 3.66 -14.64
CA TYR A 441 19.05 1.15 -16.73
CA TYR A 441 24.60 2.48 -14.58
C TYR A 441 17.67 1.80 -16.82
C TYR A 441 23.21 2.91 -15.00
N GLU A 442 16.80 1.25 -17.64
N GLU A 442 22.62 2.19 -15.95
CA GLU A 442 15.45 1.78 -17.84
CA GLU A 442 21.35 2.58 -16.54
C GLU A 442 14.40 0.70 -17.56
C GLU A 442 20.50 1.35 -16.81
N PRO A 443 13.58 0.87 -16.53
N PRO A 443 19.61 0.99 -15.90
CA PRO A 443 12.44 -0.05 -16.32
CA PRO A 443 18.71 -0.14 -16.16
C PRO A 443 11.46 -0.01 -17.48
C PRO A 443 17.63 0.23 -17.17
N LYS A 444 10.69 -1.11 -17.62
N LYS A 444 17.13 -0.80 -17.86
CA LYS A 444 9.75 -1.25 -18.73
CA LYS A 444 16.17 -0.59 -18.94
C LYS A 444 8.47 -0.43 -18.55
C LYS A 444 14.85 0.01 -18.45
N GLN A 445 8.18 0.03 -17.33
N GLN A 445 14.50 -0.15 -17.17
CA GLN A 445 7.10 0.97 -17.07
CA GLN A 445 13.28 0.46 -16.67
C GLN A 445 7.47 1.81 -15.86
C GLN A 445 13.50 1.01 -15.26
N LEU A 446 6.77 2.93 -15.70
N LEU A 446 12.63 1.94 -14.87
CA LEU A 446 6.99 3.84 -14.57
CA LEU A 446 12.69 2.61 -13.56
C LEU A 446 8.48 3.99 -14.28
C LEU A 446 14.04 3.26 -13.34
N ARG A 447 9.23 4.24 -15.35
N ARG A 447 14.57 3.89 -14.38
CA ARG A 447 10.68 4.06 -15.33
CA ARG A 447 15.93 4.43 -14.33
C ARG A 447 11.39 5.04 -14.41
C ARG A 447 16.08 5.52 -13.27
N PHE A 448 10.78 6.20 -14.16
N PHE A 448 15.10 6.44 -13.19
CA PHE A 448 11.41 7.24 -13.34
CA PHE A 448 15.19 7.52 -12.21
C PHE A 448 11.72 6.76 -11.92
C PHE A 448 15.43 7.03 -10.80
N PHE A 449 11.00 5.75 -11.43
N PHE A 449 15.08 5.77 -10.50
CA PHE A 449 11.12 5.36 -10.02
CA PHE A 449 15.09 5.24 -9.15
C PHE A 449 12.51 4.84 -9.71
C PHE A 449 16.44 4.66 -8.74
N THR A 450 13.05 3.96 -10.57
N THR A 450 17.15 3.99 -9.66
CA THR A 450 14.31 3.26 -10.28
CA THR A 450 18.41 3.33 -9.33
C THR A 450 15.29 3.32 -11.44
C THR A 450 19.57 3.67 -10.26
N ALA A 451 15.09 4.22 -12.40
N ALA A 451 19.37 4.52 -11.26
CA ALA A 451 16.03 4.32 -13.51
CA ALA A 451 20.47 4.88 -12.15
C ALA A 451 17.41 4.73 -13.00
C ALA A 451 21.52 5.70 -11.41
N ARG A 452 18.45 4.29 -13.71
N ARG A 452 22.78 5.50 -11.80
CA ARG A 452 19.82 4.66 -13.41
CA ARG A 452 23.91 6.21 -11.20
C ARG A 452 20.45 5.32 -14.62
C ARG A 452 24.66 6.97 -12.28
N PHE A 453 21.19 6.40 -14.37
N PHE A 453 25.02 8.21 -11.97
CA PHE A 453 21.73 7.24 -15.41
CA PHE A 453 25.62 9.17 -12.89
C PHE A 453 23.23 7.38 -15.25
C PHE A 453 27.05 9.52 -12.46
N ASP A 454 23.87 7.89 -16.30
N ASP A 454 27.68 10.40 -13.24
CA ASP A 454 25.24 8.35 -16.25
CA ASP A 454 28.95 11.01 -12.88
C ASP A 454 25.34 9.62 -17.08
C ASP A 454 29.16 12.26 -13.72
N TYR A 455 26.41 10.39 -16.86
N TYR A 455 29.98 13.18 -13.22
CA TYR A 455 26.62 11.62 -17.61
CA TYR A 455 30.22 14.45 -13.90
C TYR A 455 27.04 11.32 -19.05
C TYR A 455 31.07 14.24 -15.15
N ILE A 456 26.58 12.16 -19.97
N ILE A 456 30.77 15.02 -16.19
CA ILE A 456 26.96 12.05 -21.38
CA ILE A 456 31.54 14.98 -17.44
C ILE A 456 28.38 12.54 -21.59
C ILE A 456 32.76 15.90 -17.35
N ASN B 2 0.36 -29.97 29.62
CA ASN B 2 0.97 -28.78 30.23
C ASN B 2 0.74 -27.51 29.41
N TYR B 3 0.35 -26.43 30.07
CA TYR B 3 0.00 -25.20 29.39
C TYR B 3 0.77 -24.07 30.07
N PRO B 4 1.70 -23.43 29.38
CA PRO B 4 2.55 -22.42 30.07
C PRO B 4 1.80 -21.14 30.34
N ALA B 5 2.25 -20.42 31.37
CA ALA B 5 1.79 -19.06 31.59
C ALA B 5 2.26 -18.13 30.46
N GLU B 6 1.57 -16.99 30.30
CA GLU B 6 1.94 -16.02 29.27
C GLU B 6 3.37 -15.58 29.52
N PRO B 7 4.25 -15.63 28.51
CA PRO B 7 5.63 -15.19 28.72
C PRO B 7 5.77 -13.70 28.49
N PHE B 8 4.77 -12.95 28.92
CA PHE B 8 4.78 -11.51 28.85
C PHE B 8 3.81 -11.04 29.92
N ARG B 9 3.82 -9.74 30.18
CA ARG B 9 2.72 -9.23 30.98
C ARG B 9 2.01 -8.14 30.22
N ILE B 10 0.89 -7.66 30.76
CA ILE B 10 0.08 -6.73 29.97
C ILE B 10 0.65 -5.32 30.17
N LYS B 11 1.00 -4.63 29.07
CA LYS B 11 1.42 -3.24 29.13
C LYS B 11 0.23 -2.28 29.05
N SER B 12 -0.74 -2.57 28.18
CA SER B 12 -1.92 -1.70 28.09
C SER B 12 -3.11 -2.54 27.62
N VAL B 13 -4.32 -2.06 27.94
CA VAL B 13 -5.50 -2.88 27.64
C VAL B 13 -6.38 -2.20 26.61
N GLU B 14 -7.25 -3.00 25.98
CA GLU B 14 -8.25 -2.50 25.08
C GLU B 14 -9.60 -2.63 25.76
N THR B 15 -10.32 -1.50 25.81
CA THR B 15 -11.65 -1.39 26.38
C THR B 15 -12.64 -2.23 25.58
N VAL B 16 -13.55 -2.94 26.28
CA VAL B 16 -14.64 -3.70 25.64
C VAL B 16 -15.95 -3.44 26.38
N SER B 17 -17.01 -3.59 25.58
N SER B 17 -17.11 -3.80 25.82
CA SER B 17 -18.38 -3.72 26.01
CA SER B 17 -18.34 -3.21 26.43
C SER B 17 -18.63 -5.17 26.44
C SER B 17 -18.94 -3.95 27.67
N MET B 18 -18.91 -5.28 27.71
CA MET B 18 -19.46 -6.43 28.44
CA MET B 18 -19.49 -6.21 28.67
C MET B 18 -20.99 -6.42 28.48
N ILE B 19 -21.60 -6.19 27.32
CA ILE B 19 -23.07 -6.21 27.26
C ILE B 19 -23.61 -7.61 27.58
N PRO B 20 -24.81 -7.72 28.22
CA PRO B 20 -25.31 -9.04 28.64
C PRO B 20 -26.07 -9.77 27.54
N ARG B 21 -26.54 -10.99 27.85
CA ARG B 21 -27.06 -11.88 26.82
C ARG B 21 -28.27 -11.27 26.11
N ASP B 22 -29.22 -10.72 26.86
CA ASP B 22 -30.40 -10.15 26.22
CA ASP B 22 -30.41 -10.13 26.25
C ASP B 22 -30.02 -9.09 25.19
N GLU B 23 -29.04 -8.23 25.52
CA GLU B 23 -28.61 -7.20 24.57
C GLU B 23 -27.83 -7.80 23.41
N ARG B 24 -26.95 -8.78 23.69
CA ARG B 24 -26.25 -9.46 22.59
C ARG B 24 -27.24 -10.08 21.60
N LEU B 25 -28.35 -10.64 22.10
CA LEU B 25 -29.35 -11.19 21.18
C LEU B 25 -29.89 -10.11 20.25
N LYS B 26 -30.22 -8.92 20.78
CA LYS B 26 -30.64 -7.82 19.92
C LYS B 26 -29.55 -7.44 18.90
N LYS B 27 -28.29 -7.34 19.32
CA LYS B 27 -27.23 -7.04 18.35
C LYS B 27 -27.15 -8.13 17.27
N MET B 28 -27.27 -9.41 17.67
CA MET B 28 -27.20 -10.49 16.68
C MET B 28 -28.35 -10.38 15.68
N GLN B 29 -29.55 -10.01 16.16
CA GLN B 29 -30.68 -9.89 15.25
C GLN B 29 -30.51 -8.69 14.32
N GLU B 30 -30.03 -7.55 14.86
CA GLU B 30 -29.71 -6.42 14.00
C GLU B 30 -28.66 -6.78 12.95
N ALA B 31 -27.72 -7.70 13.27
CA ALA B 31 -26.78 -8.20 12.27
C ALA B 31 -27.37 -9.31 11.37
N GLY B 32 -28.69 -9.55 11.41
CA GLY B 32 -29.30 -10.62 10.64
C GLY B 32 -28.68 -11.98 10.89
N TYR B 33 -28.20 -12.22 12.12
CA TYR B 33 -27.64 -13.50 12.53
C TYR B 33 -26.37 -13.85 11.77
N ASN B 34 -25.70 -12.86 11.21
CA ASN B 34 -24.44 -13.05 10.49
C ASN B 34 -23.35 -12.37 11.31
N THR B 35 -22.42 -13.17 11.88
CA THR B 35 -21.38 -12.58 12.71
C THR B 35 -20.50 -11.61 11.94
N PHE B 36 -20.40 -11.74 10.61
CA PHE B 36 -19.62 -10.76 9.86
C PHE B 36 -20.23 -9.36 9.90
N LEU B 37 -21.52 -9.24 10.22
CA LEU B 37 -22.18 -7.94 10.25
C LEU B 37 -22.16 -7.31 11.65
N LEU B 38 -21.66 -7.99 12.66
CA LEU B 38 -21.57 -7.41 14.00
C LEU B 38 -20.60 -6.23 14.03
N ASN B 39 -20.90 -5.27 14.89
CA ASN B 39 -19.97 -4.17 15.16
C ASN B 39 -18.92 -4.64 16.15
N SER B 40 -17.67 -4.27 15.86
CA SER B 40 -16.56 -4.59 16.76
C SER B 40 -16.85 -4.10 18.19
N LYS B 41 -17.47 -2.93 18.32
CA LYS B 41 -17.70 -2.34 19.64
C LYS B 41 -18.65 -3.20 20.49
N ASP B 42 -19.37 -4.14 19.88
CA ASP B 42 -20.35 -4.98 20.57
C ASP B 42 -19.81 -6.37 20.89
N ILE B 43 -18.53 -6.61 20.70
CA ILE B 43 -17.96 -7.94 20.81
C ILE B 43 -16.97 -7.95 21.97
N TYR B 44 -17.11 -8.96 22.84
CA TYR B 44 -16.19 -9.15 23.96
C TYR B 44 -14.90 -9.80 23.48
N ILE B 45 -15.00 -10.96 22.85
CA ILE B 45 -13.86 -11.74 22.42
C ILE B 45 -14.05 -11.99 20.92
N ASP B 46 -13.20 -11.42 20.09
CA ASP B 46 -13.39 -11.43 18.64
C ASP B 46 -12.42 -12.45 18.05
N LEU B 47 -12.94 -13.62 17.71
CA LEU B 47 -12.16 -14.71 17.12
C LEU B 47 -12.46 -14.85 15.64
N LEU B 48 -12.91 -13.77 14.99
CA LEU B 48 -13.17 -13.84 13.56
C LEU B 48 -11.90 -14.27 12.80
N THR B 49 -10.75 -13.69 13.16
CA THR B 49 -9.52 -14.01 12.42
C THR B 49 -8.30 -13.71 13.28
N ASP B 50 -7.21 -14.40 12.96
CA ASP B 50 -5.91 -14.07 13.54
C ASP B 50 -5.12 -13.13 12.65
N SER B 51 -5.71 -12.61 11.58
CA SER B 51 -4.99 -11.74 10.65
C SER B 51 -5.09 -10.28 11.10
N GLY B 52 -3.95 -9.70 11.51
CA GLY B 52 -3.89 -8.26 11.68
C GLY B 52 -4.49 -7.82 12.99
N THR B 53 -4.87 -8.77 13.82
CA THR B 53 -5.54 -8.51 15.10
C THR B 53 -4.60 -8.69 16.29
N ASN B 54 -3.29 -8.88 16.04
CA ASN B 54 -2.34 -9.19 17.09
C ASN B 54 -2.10 -7.99 18.02
N ALA B 55 -1.68 -8.28 19.24
CA ALA B 55 -1.22 -7.23 20.14
C ALA B 55 0.30 -7.03 19.96
N MET B 56 0.73 -5.78 19.79
CA MET B 56 2.15 -5.42 19.64
C MET B 56 2.80 -5.28 21.02
N SER B 57 4.12 -5.35 21.04
CA SER B 57 4.86 -5.12 22.28
C SER B 57 5.18 -3.62 22.50
N ASP B 58 5.68 -3.33 23.72
CA ASP B 58 6.20 -1.99 24.00
C ASP B 58 7.33 -1.65 23.05
N LYS B 59 8.16 -2.62 22.67
CA LYS B 59 9.26 -2.34 21.75
C LYS B 59 8.74 -1.97 20.37
N GLN B 60 7.71 -2.69 19.90
CA GLN B 60 7.10 -2.31 18.64
C GLN B 60 6.47 -0.93 18.69
N TRP B 61 5.77 -0.61 19.80
CA TRP B 61 5.18 0.72 19.90
C TRP B 61 6.26 1.81 19.99
N ALA B 62 7.43 1.51 20.58
CA ALA B 62 8.55 2.47 20.50
C ALA B 62 8.96 2.66 19.05
N GLY B 63 9.06 1.57 18.29
CA GLY B 63 9.32 1.68 16.85
C GLY B 63 8.29 2.50 16.09
N MET B 64 7.02 2.43 16.51
CA MET B 64 5.94 3.19 15.91
C MET B 64 6.12 4.70 16.09
N MET B 65 6.89 5.12 17.09
CA MET B 65 7.17 6.54 17.28
C MET B 65 8.38 6.99 16.45
N MET B 66 9.08 6.08 15.79
N MET B 66 9.05 6.04 15.79
CA MET B 66 10.27 6.40 15.02
CA MET B 66 10.27 6.27 15.04
C MET B 66 10.08 6.04 13.55
C MET B 66 10.08 6.04 13.54
N GLY B 67 8.88 6.25 13.04
CA GLY B 67 8.66 6.07 11.62
C GLY B 67 9.37 7.18 10.87
N ASP B 68 10.20 6.79 9.91
CA ASP B 68 10.90 7.66 8.97
C ASP B 68 10.00 7.59 7.73
N GLU B 69 9.16 8.61 7.54
CA GLU B 69 8.10 8.51 6.54
C GLU B 69 8.53 8.93 5.13
N ALA B 70 9.84 8.93 4.88
CA ALA B 70 10.33 9.29 3.56
C ALA B 70 9.80 8.35 2.50
N TYR B 71 9.59 8.92 1.31
CA TYR B 71 9.03 8.17 0.21
C TYR B 71 10.02 7.16 -0.36
N ALA B 72 11.31 7.45 -0.24
CA ALA B 72 12.34 6.56 -0.74
C ALA B 72 13.48 6.50 0.27
N GLY B 73 14.00 5.29 0.52
CA GLY B 73 15.18 5.22 1.33
C GLY B 73 14.94 5.32 2.83
N SER B 74 13.74 5.00 3.31
CA SER B 74 13.47 5.13 4.73
C SER B 74 14.36 4.18 5.53
N GLU B 75 14.90 4.67 6.67
CA GLU B 75 15.63 3.81 7.60
C GLU B 75 14.80 2.59 8.02
N ASN B 76 13.49 2.74 8.14
CA ASN B 76 12.70 1.59 8.54
C ASN B 76 12.72 0.48 7.48
N PHE B 77 12.75 0.85 6.19
CA PHE B 77 12.89 -0.19 5.18
C PHE B 77 14.22 -0.93 5.34
N TYR B 78 15.31 -0.20 5.62
CA TYR B 78 16.56 -0.93 5.73
C TYR B 78 16.57 -1.83 6.96
N HIS B 79 15.89 -1.42 8.03
N HIS B 79 15.90 -1.41 8.04
CA HIS B 79 15.77 -2.31 9.20
CA HIS B 79 15.75 -2.28 9.21
C HIS B 79 14.99 -3.56 8.83
C HIS B 79 14.99 -3.55 8.83
N LEU B 80 13.86 -3.40 8.15
CA LEU B 80 13.08 -4.57 7.73
C LEU B 80 13.89 -5.45 6.79
N GLU B 81 14.58 -4.83 5.84
CA GLU B 81 15.36 -5.60 4.87
C GLU B 81 16.41 -6.44 5.58
N ARG B 82 17.15 -5.84 6.50
CA ARG B 82 18.23 -6.54 7.15
C ARG B 82 17.68 -7.68 8.01
N THR B 83 16.55 -7.43 8.68
CA THR B 83 15.93 -8.43 9.53
C THR B 83 15.47 -9.64 8.70
N VAL B 84 14.80 -9.40 7.57
CA VAL B 84 14.30 -10.53 6.81
C VAL B 84 15.44 -11.32 6.17
N GLN B 85 16.47 -10.61 5.68
CA GLN B 85 17.65 -11.30 5.16
C GLN B 85 18.31 -12.13 6.23
N GLU B 86 18.42 -11.59 7.44
CA GLU B 86 19.01 -12.36 8.53
C GLU B 86 18.15 -13.58 8.88
N LEU B 87 16.85 -13.38 9.09
CA LEU B 87 16.06 -14.47 9.70
C LEU B 87 15.56 -15.49 8.68
N PHE B 88 15.20 -15.05 7.47
CA PHE B 88 14.75 -15.93 6.40
C PHE B 88 15.88 -16.34 5.46
N GLY B 89 16.91 -15.51 5.31
CA GLY B 89 18.02 -15.89 4.48
C GLY B 89 17.83 -15.65 3.00
N PHE B 90 16.76 -14.98 2.59
CA PHE B 90 16.62 -14.70 1.18
C PHE B 90 17.50 -13.52 0.80
N LYS B 91 17.94 -13.49 -0.45
CA LYS B 91 18.81 -12.40 -0.91
C LYS B 91 18.08 -11.07 -1.01
N HIS B 92 16.85 -11.06 -1.52
CA HIS B 92 16.15 -9.80 -1.81
C HIS B 92 14.76 -9.79 -1.18
N ILE B 93 14.29 -8.58 -0.83
CA ILE B 93 12.97 -8.45 -0.23
C ILE B 93 12.31 -7.19 -0.76
N VAL B 94 11.02 -7.29 -1.05
CA VAL B 94 10.20 -6.19 -1.49
C VAL B 94 9.03 -6.10 -0.53
N PRO B 95 8.85 -5.00 0.21
CA PRO B 95 7.69 -4.89 1.10
C PRO B 95 6.39 -4.74 0.32
N THR B 96 5.30 -5.24 0.90
CA THR B 96 3.96 -5.05 0.34
C THR B 96 3.00 -4.71 1.48
N HIS B 97 1.80 -4.19 1.15
CA HIS B 97 0.97 -3.74 2.28
C HIS B 97 0.42 -4.91 3.09
N GLN B 98 0.22 -6.08 2.47
CA GLN B 98 -0.05 -7.31 3.22
C GLN B 98 0.17 -8.47 2.24
N GLY B 99 -0.28 -9.68 2.61
CA GLY B 99 0.13 -10.87 1.87
C GLY B 99 -0.35 -10.92 0.44
N ARG B 100 -1.62 -10.58 0.20
CA ARG B 100 -2.14 -10.70 -1.16
C ARG B 100 -1.52 -9.68 -2.11
N GLY B 101 -0.94 -8.60 -1.59
CA GLY B 101 -0.12 -7.73 -2.43
C GLY B 101 1.11 -8.45 -2.96
N ALA B 102 1.77 -9.24 -2.10
CA ALA B 102 2.94 -10.00 -2.54
C ALA B 102 2.55 -11.11 -3.50
N GLU B 103 1.39 -11.74 -3.25
CA GLU B 103 0.89 -12.79 -4.16
C GLU B 103 0.62 -12.23 -5.54
N ASN B 104 -0.03 -11.08 -5.62
CA ASN B 104 -0.24 -10.41 -6.92
C ASN B 104 1.06 -10.30 -7.70
N LEU B 105 2.12 -9.78 -7.04
CA LEU B 105 3.40 -9.60 -7.73
C LEU B 105 4.02 -10.93 -8.12
N LEU B 106 4.05 -11.89 -7.18
CA LEU B 106 4.66 -13.18 -7.53
C LEU B 106 3.96 -13.83 -8.71
N SER B 107 2.64 -13.83 -8.70
CA SER B 107 1.94 -14.54 -9.78
C SER B 107 2.15 -13.87 -11.12
N GLN B 108 2.29 -12.55 -11.16
CA GLN B 108 2.54 -11.89 -12.45
C GLN B 108 3.97 -12.13 -12.93
N LEU B 109 4.90 -12.29 -12.00
CA LEU B 109 6.31 -12.44 -12.35
C LEU B 109 6.65 -13.87 -12.76
N ALA B 110 5.92 -14.85 -12.24
CA ALA B 110 6.39 -16.23 -12.26
C ALA B 110 5.55 -17.19 -13.08
N ILE B 111 4.43 -16.73 -13.65
CA ILE B 111 3.51 -17.61 -14.37
C ILE B 111 3.39 -17.16 -15.82
N LYS B 112 3.58 -18.12 -16.77
CA LYS B 112 3.20 -17.98 -18.16
C LYS B 112 1.85 -18.66 -18.36
N PRO B 113 0.91 -18.05 -19.08
CA PRO B 113 -0.42 -18.65 -19.24
C PRO B 113 -0.34 -20.10 -19.72
N GLY B 114 -1.19 -20.94 -19.13
CA GLY B 114 -1.24 -22.35 -19.47
C GLY B 114 -0.38 -23.23 -18.59
N GLN B 115 0.50 -22.64 -17.78
CA GLN B 115 1.35 -23.40 -16.89
C GLN B 115 0.58 -23.84 -15.66
N TYR B 116 1.14 -24.85 -14.97
CA TYR B 116 0.55 -25.31 -13.72
C TYR B 116 1.26 -24.71 -12.51
N VAL B 117 0.49 -24.46 -11.46
CA VAL B 117 1.01 -24.22 -10.13
C VAL B 117 0.45 -25.31 -9.22
N ALA B 118 1.32 -25.99 -8.48
CA ALA B 118 0.91 -27.10 -7.63
C ALA B 118 1.24 -26.75 -6.20
N GLY B 119 0.32 -27.10 -5.27
CA GLY B 119 0.56 -26.75 -3.88
C GLY B 119 -0.13 -27.69 -2.91
N ASN B 120 0.19 -27.51 -1.62
CA ASN B 120 -0.42 -28.35 -0.59
C ASN B 120 -1.72 -27.67 -0.17
N MET B 121 -2.80 -28.02 -0.88
CA MET B 121 -4.06 -27.29 -0.81
C MET B 121 -3.80 -25.85 -1.19
N TYR B 122 -4.69 -24.93 -0.81
CA TYR B 122 -4.59 -23.57 -1.31
C TYR B 122 -5.30 -22.62 -0.36
N PHE B 123 -5.07 -21.33 -0.57
CA PHE B 123 -5.81 -20.25 0.06
C PHE B 123 -6.46 -19.39 -1.03
N THR B 124 -7.59 -18.77 -0.68
CA THR B 124 -8.44 -18.15 -1.69
C THR B 124 -7.71 -17.07 -2.50
N THR B 125 -7.05 -16.10 -1.83
CA THR B 125 -6.38 -15.03 -2.59
C THR B 125 -5.20 -15.58 -3.41
N THR B 126 -4.42 -16.48 -2.79
CA THR B 126 -3.26 -17.06 -3.45
C THR B 126 -3.64 -17.71 -4.77
N ARG B 127 -4.60 -18.62 -4.71
CA ARG B 127 -5.07 -19.31 -5.91
C ARG B 127 -5.74 -18.36 -6.90
N TYR B 128 -6.43 -17.34 -6.42
CA TYR B 128 -7.02 -16.39 -7.36
C TYR B 128 -5.92 -15.74 -8.22
N HIS B 129 -4.85 -15.26 -7.59
CA HIS B 129 -3.80 -14.61 -8.36
C HIS B 129 -3.06 -15.58 -9.25
N GLN B 130 -2.92 -16.83 -8.82
CA GLN B 130 -2.38 -17.85 -9.73
C GLN B 130 -3.29 -18.02 -10.94
N GLU B 131 -4.60 -18.21 -10.71
CA GLU B 131 -5.51 -18.44 -11.83
C GLU B 131 -5.68 -17.20 -12.70
N LYS B 132 -5.74 -16.02 -12.08
CA LYS B 132 -5.91 -14.79 -12.84
C LYS B 132 -4.77 -14.59 -13.85
N ASN B 133 -3.58 -15.09 -13.54
CA ASN B 133 -2.45 -14.96 -14.45
C ASN B 133 -2.28 -16.16 -15.36
N GLY B 134 -3.28 -17.04 -15.42
CA GLY B 134 -3.32 -18.10 -16.40
C GLY B 134 -2.85 -19.47 -15.95
N ALA B 135 -2.62 -19.68 -14.65
CA ALA B 135 -2.17 -20.97 -14.15
C ALA B 135 -3.36 -21.91 -13.90
N VAL B 136 -3.11 -23.20 -14.02
CA VAL B 136 -4.03 -24.22 -13.58
C VAL B 136 -3.52 -24.77 -12.26
N PHE B 137 -4.38 -24.74 -11.23
CA PHE B 137 -3.98 -25.21 -9.90
C PHE B 137 -4.14 -26.71 -9.78
N VAL B 138 -3.17 -27.35 -9.12
CA VAL B 138 -3.17 -28.80 -8.87
C VAL B 138 -2.87 -28.99 -7.40
N ASP B 139 -3.74 -29.73 -6.71
CA ASP B 139 -3.49 -30.00 -5.30
C ASP B 139 -2.58 -31.21 -5.19
N ILE B 140 -1.45 -31.07 -4.49
CA ILE B 140 -0.56 -32.21 -4.32
C ILE B 140 -0.36 -32.54 -2.84
N VAL B 141 -1.24 -32.08 -1.95
CA VAL B 141 -1.11 -32.45 -0.54
C VAL B 141 -1.33 -33.96 -0.40
N ARG B 142 -0.75 -34.53 0.66
CA ARG B 142 -1.01 -35.93 0.99
C ARG B 142 -2.52 -36.15 1.21
N ASP B 143 -3.00 -37.35 0.85
CA ASP B 143 -4.43 -37.64 0.94
C ASP B 143 -4.98 -37.45 2.35
N GLU B 144 -4.16 -37.70 3.37
CA GLU B 144 -4.63 -37.61 4.75
C GLU B 144 -5.09 -36.21 5.14
N ALA B 145 -4.55 -35.16 4.51
CA ALA B 145 -4.95 -33.83 4.89
C ALA B 145 -6.44 -33.59 4.67
N HIS B 146 -7.07 -34.35 3.79
CA HIS B 146 -8.50 -34.23 3.51
C HIS B 146 -9.37 -35.04 4.46
N ASP B 147 -8.77 -35.71 5.45
CA ASP B 147 -9.52 -36.43 6.47
C ASP B 147 -9.45 -35.60 7.76
N ALA B 148 -10.50 -34.81 8.00
CA ALA B 148 -10.49 -33.82 9.08
C ALA B 148 -10.58 -34.45 10.46
N GLY B 149 -10.74 -35.77 10.55
CA GLY B 149 -10.80 -36.39 11.86
C GLY B 149 -9.55 -37.17 12.16
N LEU B 150 -8.61 -37.18 11.23
CA LEU B 150 -7.43 -38.04 11.34
C LEU B 150 -6.35 -37.32 12.13
N ASN B 151 -5.98 -37.89 13.27
CA ASN B 151 -5.07 -37.22 14.20
C ASN B 151 -3.64 -37.67 13.94
N ILE B 152 -3.02 -37.09 12.92
CA ILE B 152 -1.63 -37.44 12.59
C ILE B 152 -0.78 -36.18 12.42
N ALA B 153 0.53 -36.34 12.62
CA ALA B 153 1.44 -35.20 12.57
C ALA B 153 1.78 -34.80 11.13
N PHE B 154 2.14 -33.53 10.96
CA PHE B 154 2.59 -32.96 9.70
C PHE B 154 1.64 -33.29 8.55
N LYS B 155 0.37 -33.00 8.79
CA LYS B 155 -0.70 -33.28 7.84
C LYS B 155 -0.62 -32.37 6.61
N GLY B 156 0.14 -31.29 6.68
CA GLY B 156 0.27 -30.41 5.52
C GLY B 156 1.27 -30.86 4.48
N ASP B 157 1.98 -31.95 4.75
CA ASP B 157 3.04 -32.42 3.86
C ASP B 157 2.53 -32.68 2.46
N ILE B 158 3.37 -32.31 1.47
CA ILE B 158 3.10 -32.62 0.07
C ILE B 158 3.37 -34.10 -0.19
N ASP B 159 2.49 -34.74 -0.97
CA ASP B 159 2.72 -36.10 -1.47
C ASP B 159 3.72 -36.06 -2.61
N LEU B 160 4.95 -36.57 -2.37
CA LEU B 160 5.98 -36.50 -3.40
C LEU B 160 5.62 -37.30 -4.64
N LYS B 161 4.78 -38.34 -4.50
CA LYS B 161 4.38 -39.12 -5.66
C LYS B 161 3.44 -38.32 -6.57
N LYS B 162 2.55 -37.50 -5.99
CA LYS B 162 1.67 -36.65 -6.80
C LYS B 162 2.48 -35.60 -7.55
N LEU B 163 3.52 -35.05 -6.91
CA LEU B 163 4.40 -34.10 -7.58
C LEU B 163 5.17 -34.77 -8.72
N GLN B 164 5.72 -35.96 -8.46
CA GLN B 164 6.37 -36.71 -9.53
C GLN B 164 5.41 -37.00 -10.67
N LYS B 165 4.17 -37.39 -10.34
CA LYS B 165 3.18 -37.67 -11.39
C LYS B 165 2.88 -36.43 -12.21
N LEU B 166 2.71 -35.29 -11.56
CA LEU B 166 2.49 -34.05 -12.29
C LEU B 166 3.66 -33.76 -13.24
N ILE B 167 4.89 -33.85 -12.73
CA ILE B 167 6.08 -33.62 -13.56
C ILE B 167 6.09 -34.55 -14.75
N ASP B 168 5.70 -35.82 -14.55
CA ASP B 168 5.73 -36.80 -15.65
C ASP B 168 4.64 -36.54 -16.67
N GLU B 169 3.46 -36.10 -16.24
CA GLU B 169 2.33 -35.98 -17.15
C GLU B 169 2.30 -34.65 -17.88
N LYS B 170 2.74 -33.57 -17.24
CA LYS B 170 2.69 -32.26 -17.85
C LYS B 170 4.04 -31.76 -18.35
N GLY B 171 5.13 -32.25 -17.79
CA GLY B 171 6.45 -31.79 -18.17
C GLY B 171 6.92 -30.66 -17.28
N ALA B 172 8.20 -30.70 -16.88
CA ALA B 172 8.71 -29.72 -15.94
C ALA B 172 8.69 -28.30 -16.50
N GLU B 173 8.83 -28.15 -17.82
CA GLU B 173 8.82 -26.79 -18.35
C GLU B 173 7.44 -26.13 -18.31
N ASN B 174 6.37 -26.92 -18.09
CA ASN B 174 5.02 -26.40 -18.02
C ASN B 174 4.53 -26.19 -16.61
N ILE B 175 5.36 -26.43 -15.61
CA ILE B 175 5.04 -26.10 -14.23
C ILE B 175 5.70 -24.77 -13.88
N ALA B 176 4.88 -23.77 -13.52
CA ALA B 176 5.40 -22.46 -13.17
C ALA B 176 6.17 -22.50 -11.85
N TYR B 177 5.55 -23.04 -10.80
CA TYR B 177 6.23 -23.21 -9.52
C TYR B 177 5.40 -24.14 -8.64
N ILE B 178 6.04 -24.60 -7.57
CA ILE B 178 5.36 -25.30 -6.49
C ILE B 178 5.09 -24.26 -5.41
N CYS B 179 3.86 -24.22 -4.91
CA CYS B 179 3.47 -23.26 -3.87
C CYS B 179 3.28 -24.04 -2.57
N LEU B 180 4.26 -23.96 -1.68
CA LEU B 180 4.24 -24.73 -0.43
C LEU B 180 3.86 -23.79 0.70
N ALA B 181 2.71 -24.03 1.30
CA ALA B 181 2.21 -23.18 2.38
C ALA B 181 2.59 -23.76 3.74
N VAL B 182 3.02 -22.89 4.66
CA VAL B 182 3.31 -23.26 6.04
C VAL B 182 2.66 -22.21 6.94
N THR B 183 1.74 -22.62 7.83
CA THR B 183 1.05 -23.91 7.88
C THR B 183 0.01 -23.98 6.75
N VAL B 184 -0.78 -25.07 6.73
CA VAL B 184 -1.83 -25.29 5.74
C VAL B 184 -3.18 -24.93 6.36
N ASN B 185 -3.69 -23.76 5.97
CA ASN B 185 -4.89 -23.15 6.54
C ASN B 185 -6.11 -24.00 6.28
N LEU B 186 -6.28 -24.46 5.05
CA LEU B 186 -7.51 -25.14 4.68
C LEU B 186 -7.67 -26.48 5.40
N ALA B 187 -6.58 -27.09 5.86
CA ALA B 187 -6.63 -28.32 6.64
C ALA B 187 -6.79 -28.06 8.14
N GLY B 188 -6.98 -26.80 8.52
CA GLY B 188 -7.11 -26.43 9.91
C GLY B 188 -5.84 -25.91 10.55
N GLY B 189 -4.87 -25.44 9.75
CA GLY B 189 -3.60 -24.91 10.24
C GLY B 189 -2.57 -26.02 10.51
N GLN B 190 -2.42 -26.95 9.57
CA GLN B 190 -1.56 -28.12 9.79
C GLN B 190 -0.12 -27.84 9.31
N PRO B 191 0.87 -28.26 10.09
CA PRO B 191 2.26 -28.01 9.71
C PRO B 191 2.81 -28.96 8.64
N VAL B 192 3.94 -28.53 8.08
CA VAL B 192 4.74 -29.25 7.08
C VAL B 192 6.08 -29.58 7.73
N SER B 193 6.56 -30.80 7.52
CA SER B 193 7.81 -31.23 8.14
C SER B 193 9.01 -30.70 7.38
N MET B 194 10.14 -30.53 8.08
CA MET B 194 11.38 -30.21 7.39
C MET B 194 11.76 -31.29 6.38
N ALA B 195 11.56 -32.56 6.72
CA ALA B 195 11.89 -33.62 5.77
C ALA B 195 11.10 -33.43 4.49
N ASN B 196 9.85 -32.97 4.61
CA ASN B 196 9.05 -32.78 3.41
C ASN B 196 9.58 -31.61 2.60
N MET B 197 9.92 -30.50 3.28
CA MET B 197 10.46 -29.35 2.56
C MET B 197 11.74 -29.71 1.82
N ARG B 198 12.61 -30.50 2.45
CA ARG B 198 13.84 -30.89 1.77
C ARG B 198 13.58 -31.81 0.59
N ALA B 199 12.64 -32.76 0.73
CA ALA B 199 12.36 -33.67 -0.38
C ALA B 199 11.82 -32.91 -1.58
N VAL B 200 10.92 -31.96 -1.33
CA VAL B 200 10.34 -31.17 -2.40
C VAL B 200 11.41 -30.34 -3.10
N ARG B 201 12.32 -29.73 -2.33
CA ARG B 201 13.42 -28.98 -2.91
C ARG B 201 14.32 -29.88 -3.74
N GLU B 202 14.60 -31.11 -3.29
N GLU B 202 14.64 -31.08 -3.24
CA GLU B 202 15.52 -31.95 -4.04
CA GLU B 202 15.48 -32.02 -3.99
C GLU B 202 14.88 -32.47 -5.33
C GLU B 202 14.85 -32.36 -5.32
N LEU B 203 13.59 -32.77 -5.30
CA LEU B 203 12.90 -33.21 -6.51
C LEU B 203 12.79 -32.06 -7.52
N THR B 204 12.31 -30.89 -7.06
CA THR B 204 12.10 -29.78 -7.99
C THR B 204 13.43 -29.29 -8.56
N ALA B 205 14.46 -29.20 -7.72
CA ALA B 205 15.77 -28.76 -8.20
C ALA B 205 16.32 -29.67 -9.29
N ALA B 206 16.06 -30.98 -9.20
CA ALA B 206 16.51 -31.88 -10.26
C ALA B 206 15.87 -31.55 -11.61
N HIS B 207 14.71 -30.89 -11.62
CA HIS B 207 14.00 -30.57 -12.85
C HIS B 207 14.03 -29.09 -13.19
N GLY B 208 14.74 -28.27 -12.43
CA GLY B 208 14.72 -26.84 -12.66
C GLY B 208 13.44 -26.14 -12.31
N ILE B 209 12.61 -26.72 -11.48
CA ILE B 209 11.34 -26.13 -11.08
C ILE B 209 11.54 -25.27 -9.84
N LYS B 210 10.89 -24.09 -9.84
CA LYS B 210 10.96 -23.16 -8.71
C LYS B 210 9.98 -23.56 -7.62
N VAL B 211 10.32 -23.20 -6.38
CA VAL B 211 9.47 -23.42 -5.21
C VAL B 211 9.31 -22.07 -4.49
N PHE B 212 8.09 -21.62 -4.31
CA PHE B 212 7.89 -20.43 -3.50
C PHE B 212 7.02 -20.78 -2.32
N TYR B 213 7.35 -20.26 -1.14
CA TYR B 213 6.55 -20.59 0.05
C TYR B 213 5.48 -19.53 0.29
N ASP B 214 4.31 -19.96 0.70
CA ASP B 214 3.32 -19.06 1.30
C ASP B 214 3.57 -19.14 2.80
N ALA B 215 4.31 -18.16 3.33
CA ALA B 215 4.99 -18.25 4.63
C ALA B 215 4.22 -17.62 5.78
N THR B 216 2.92 -17.38 5.62
CA THR B 216 2.17 -16.53 6.54
CA THR B 216 2.22 -16.51 6.56
C THR B 216 2.25 -17.05 7.99
N ARG B 217 2.18 -18.37 8.18
CA ARG B 217 2.31 -18.85 9.55
C ARG B 217 3.51 -19.78 9.70
N CYS B 218 4.67 -19.34 9.16
CA CYS B 218 5.89 -20.14 9.18
C CYS B 218 6.48 -20.27 10.57
N VAL B 219 6.21 -19.35 11.48
CA VAL B 219 6.73 -19.50 12.84
C VAL B 219 5.94 -20.55 13.61
N GLU B 220 4.60 -20.52 13.52
CA GLU B 220 3.80 -21.62 14.06
C GLU B 220 4.29 -22.95 13.50
N ASN B 221 4.59 -22.97 12.20
CA ASN B 221 5.09 -24.19 11.60
C ASN B 221 6.41 -24.63 12.24
N ALA B 222 7.32 -23.67 12.44
CA ALA B 222 8.61 -23.97 13.02
C ALA B 222 8.45 -24.54 14.43
N TYR B 223 7.47 -24.05 15.18
CA TYR B 223 7.25 -24.61 16.52
C TYR B 223 6.84 -26.09 16.43
N PHE B 224 5.97 -26.44 15.48
CA PHE B 224 5.60 -27.85 15.36
C PHE B 224 6.81 -28.72 15.02
N ILE B 225 7.69 -28.23 14.16
CA ILE B 225 8.91 -28.98 13.84
C ILE B 225 9.74 -29.17 15.11
N LYS B 226 9.94 -28.09 15.88
CA LYS B 226 10.73 -28.19 17.11
C LYS B 226 10.10 -29.17 18.08
N GLU B 227 8.79 -29.16 18.19
CA GLU B 227 8.13 -30.00 19.17
C GLU B 227 8.05 -31.46 18.71
N GLN B 228 7.89 -31.72 17.42
CA GLN B 228 7.47 -33.05 16.97
C GLN B 228 8.37 -33.75 15.96
N GLU B 229 9.29 -33.06 15.29
CA GLU B 229 10.11 -33.72 14.28
C GLU B 229 11.42 -34.18 14.91
N GLN B 230 11.74 -35.46 14.76
CA GLN B 230 12.95 -36.01 15.38
C GLN B 230 14.19 -35.24 14.93
N GLY B 231 15.07 -34.92 15.88
CA GLY B 231 16.30 -34.22 15.57
C GLY B 231 16.26 -32.71 15.70
N PHE B 232 15.11 -32.11 15.96
CA PHE B 232 15.03 -30.66 16.04
C PHE B 232 14.84 -30.16 17.46
N GLU B 233 14.97 -31.03 18.45
CA GLU B 233 14.79 -30.62 19.84
C GLU B 233 15.89 -29.67 20.33
N ASN B 234 17.07 -29.67 19.68
CA ASN B 234 18.20 -28.81 20.06
C ASN B 234 18.34 -27.58 19.18
N LYS B 235 17.39 -27.33 18.30
CA LYS B 235 17.47 -26.22 17.37
C LYS B 235 16.59 -25.08 17.89
N SER B 236 17.02 -23.85 17.67
CA SER B 236 16.18 -22.73 18.04
C SER B 236 15.11 -22.53 16.97
N ILE B 237 14.05 -21.82 17.36
CA ILE B 237 13.03 -21.45 16.38
C ILE B 237 13.68 -20.72 15.20
N ALA B 238 14.61 -19.80 15.48
CA ALA B 238 15.26 -19.07 14.40
C ALA B 238 16.06 -20.01 13.49
N GLU B 239 16.77 -20.98 14.08
CA GLU B 239 17.50 -21.95 13.26
C GLU B 239 16.56 -22.75 12.36
N ILE B 240 15.40 -23.13 12.90
CA ILE B 240 14.43 -23.92 12.13
C ILE B 240 13.85 -23.07 11.01
N VAL B 241 13.50 -21.82 11.31
CA VAL B 241 12.95 -20.93 10.30
C VAL B 241 13.94 -20.71 9.17
N HIS B 242 15.21 -20.46 9.51
CA HIS B 242 16.23 -20.23 8.49
C HIS B 242 16.43 -21.48 7.63
N GLU B 243 16.37 -22.67 8.21
CA GLU B 243 16.55 -23.88 7.40
C GLU B 243 15.34 -24.11 6.50
N MET B 244 14.12 -23.90 7.01
CA MET B 244 12.92 -24.00 6.17
C MET B 244 13.06 -23.24 4.87
N PHE B 245 13.36 -21.93 4.95
CA PHE B 245 13.46 -21.12 3.75
C PHE B 245 14.70 -21.42 2.91
N SER B 246 15.66 -22.17 3.44
CA SER B 246 16.77 -22.59 2.61
C SER B 246 16.34 -23.54 1.50
N TYR B 247 15.12 -24.09 1.59
CA TYR B 247 14.59 -25.02 0.61
C TYR B 247 13.65 -24.34 -0.38
N ALA B 248 13.63 -23.01 -0.41
CA ALA B 248 12.72 -22.26 -1.26
C ALA B 248 13.51 -21.25 -2.10
N ASP B 249 12.91 -20.87 -3.22
CA ASP B 249 13.47 -19.83 -4.07
C ASP B 249 12.96 -18.45 -3.70
N GLY B 250 11.98 -18.38 -2.81
CA GLY B 250 11.39 -17.11 -2.41
C GLY B 250 10.15 -17.38 -1.59
N CYS B 251 9.42 -16.32 -1.24
CA CYS B 251 8.20 -16.53 -0.49
C CYS B 251 7.30 -15.31 -0.61
N THR B 252 6.01 -15.50 -0.28
CA THR B 252 5.11 -14.40 0.02
C THR B 252 4.76 -14.48 1.50
N MET B 253 4.67 -13.33 2.18
CA MET B 253 4.50 -13.33 3.63
C MET B 253 3.43 -12.30 3.98
N SER B 254 2.50 -12.69 4.84
CA SER B 254 1.59 -11.76 5.49
C SER B 254 2.13 -11.51 6.89
N GLY B 255 2.72 -10.33 7.11
CA GLY B 255 3.14 -10.00 8.45
C GLY B 255 1.98 -9.97 9.43
N LYS B 256 0.77 -9.76 8.92
CA LYS B 256 -0.45 -9.68 9.73
C LYS B 256 -0.68 -10.94 10.54
N1 LLP B 257 -2.13 -17.22 2.53
C2 LLP B 257 -2.60 -17.72 3.68
C2' LLP B 257 -2.36 -19.23 4.00
C3 LLP B 257 -3.32 -16.87 4.57
O3 LLP B 257 -3.84 -17.39 5.78
C4 LLP B 257 -3.55 -15.54 4.27
C4' LLP B 257 -4.35 -14.71 5.41
C5 LLP B 257 -3.07 -15.01 3.09
C6 LLP B 257 -2.36 -15.86 2.22
C5' LLP B 257 -3.25 -13.52 2.63
OP4 LLP B 257 -2.53 -12.63 3.44
P LLP B 257 -3.16 -11.22 3.63
OP1 LLP B 257 -4.51 -11.34 4.32
OP2 LLP B 257 -2.15 -10.45 4.43
OP3 LLP B 257 -3.45 -10.62 2.24
N LLP B 257 0.01 -12.01 10.16
CA LLP B 257 -0.10 -13.26 10.96
CB LLP B 257 -0.28 -14.48 10.04
CG LLP B 257 -1.76 -14.60 9.68
CD LLP B 257 -2.20 -13.68 8.51
CE LLP B 257 -3.45 -14.27 7.78
NZ LLP B 257 -3.25 -14.38 6.32
C LLP B 257 1.14 -13.36 11.81
O LLP B 257 1.20 -12.73 12.85
N ASP B 258 2.15 -14.13 11.39
CA ASP B 258 3.22 -14.44 12.35
C ASP B 258 4.26 -13.31 12.61
N CYS B 259 4.23 -12.16 11.92
CA CYS B 259 5.13 -11.07 12.33
C CYS B 259 4.51 -10.18 13.39
N LEU B 260 3.34 -10.56 13.97
CA LEU B 260 2.83 -9.87 15.17
C LEU B 260 2.51 -8.38 14.91
N VAL B 261 1.97 -8.06 13.73
CA VAL B 261 1.56 -6.71 13.41
C VAL B 261 0.11 -6.67 12.96
N ASN B 262 -0.40 -5.44 12.78
CA ASN B 262 -1.76 -5.20 12.36
C ASN B 262 -1.89 -4.95 10.87
N ILE B 263 -0.77 -4.75 10.18
CA ILE B 263 -0.75 -4.51 8.73
C ILE B 263 0.66 -4.82 8.27
N GLY B 264 0.82 -5.24 7.02
CA GLY B 264 2.16 -5.42 6.45
C GLY B 264 2.37 -6.80 5.85
N GLY B 265 3.22 -6.87 4.82
CA GLY B 265 3.66 -8.13 4.26
C GLY B 265 4.92 -7.90 3.43
N PHE B 266 5.38 -8.95 2.74
CA PHE B 266 6.50 -8.74 1.82
C PHE B 266 6.66 -9.94 0.88
N LEU B 267 7.46 -9.71 -0.16
CA LEU B 267 7.83 -10.69 -1.15
C LEU B 267 9.34 -10.88 -1.08
N CYS B 268 9.81 -12.13 -0.96
CA CYS B 268 11.24 -12.43 -1.00
C CYS B 268 11.59 -13.30 -2.19
N MET B 269 12.81 -13.14 -2.68
CA MET B 269 13.30 -14.01 -3.73
C MET B 269 14.83 -13.99 -3.73
N ASN B 270 15.44 -15.04 -4.29
CA ASN B 270 16.88 -15.08 -4.43
C ASN B 270 17.39 -14.62 -5.79
N ASP B 271 16.55 -14.68 -6.82
CA ASP B 271 17.02 -14.43 -8.19
C ASP B 271 17.08 -12.94 -8.48
N ASP B 272 18.25 -12.47 -8.93
CA ASP B 272 18.46 -11.05 -9.20
C ASP B 272 17.49 -10.54 -10.28
N GLU B 273 17.34 -11.31 -11.37
CA GLU B 273 16.50 -10.86 -12.47
C GLU B 273 15.04 -10.73 -12.04
N MET B 274 14.53 -11.72 -11.31
CA MET B 274 13.17 -11.62 -10.80
C MET B 274 13.05 -10.46 -9.83
N PHE B 275 14.07 -10.25 -8.99
CA PHE B 275 14.06 -9.11 -8.06
C PHE B 275 13.95 -7.81 -8.82
N SER B 276 14.74 -7.68 -9.88
CA SER B 276 14.67 -6.47 -10.69
C SER B 276 13.28 -6.29 -11.29
N SER B 277 12.69 -7.37 -11.82
CA SER B 277 11.33 -7.31 -12.36
C SER B 277 10.31 -6.99 -11.28
N ALA B 278 10.47 -7.55 -10.07
CA ALA B 278 9.54 -7.23 -8.99
C ALA B 278 9.58 -5.74 -8.65
N LYS B 279 10.77 -5.14 -8.66
CA LYS B 279 10.85 -3.73 -8.35
C LYS B 279 10.17 -2.88 -9.41
N GLU B 280 10.17 -3.34 -10.66
CA GLU B 280 9.43 -2.62 -11.70
C GLU B 280 7.93 -2.75 -11.49
N LEU B 281 7.48 -3.84 -10.90
CA LEU B 281 6.05 -4.06 -10.75
C LEU B 281 5.48 -3.51 -9.45
N VAL B 282 6.26 -3.52 -8.37
CA VAL B 282 5.71 -3.10 -7.07
C VAL B 282 5.21 -1.66 -7.15
N VAL B 283 5.85 -0.81 -7.96
CA VAL B 283 5.44 0.59 -8.02
C VAL B 283 4.05 0.72 -8.66
N VAL B 284 3.63 -0.28 -9.45
CA VAL B 284 2.32 -0.26 -10.09
C VAL B 284 1.21 -0.38 -9.07
N TYR B 285 1.34 -1.31 -8.13
CA TYR B 285 0.23 -1.70 -7.27
C TYR B 285 0.38 -1.26 -5.83
N GLU B 286 1.61 -1.15 -5.32
CA GLU B 286 1.81 -1.02 -3.88
C GLU B 286 2.50 0.28 -3.52
N GLY B 287 3.65 0.56 -4.12
CA GLY B 287 4.49 1.68 -3.74
C GLY B 287 5.95 1.42 -4.13
N MET B 288 6.84 2.24 -3.59
N MET B 288 6.84 2.20 -3.53
CA MET B 288 8.26 2.11 -3.92
CA MET B 288 8.25 2.09 -3.85
C MET B 288 8.83 0.80 -3.38
C MET B 288 8.83 0.77 -3.37
N PRO B 289 9.91 0.30 -4.00
CA PRO B 289 10.59 -0.88 -3.45
C PRO B 289 10.99 -0.68 -1.99
N SER B 290 11.05 0.57 -1.53
CA SER B 290 11.43 0.85 -0.14
C SER B 290 10.27 1.34 0.72
N TYR B 291 9.00 1.18 0.29
CA TYR B 291 7.95 1.23 1.32
C TYR B 291 6.82 0.26 0.97
N GLY B 292 6.56 0.05 -0.31
CA GLY B 292 5.61 -1.00 -0.72
C GLY B 292 4.23 -0.90 -0.12
N GLY B 293 3.68 0.32 -0.03
CA GLY B 293 2.34 0.46 0.47
C GLY B 293 2.22 0.48 1.98
N LEU B 294 3.33 0.65 2.72
CA LEU B 294 3.34 0.71 4.17
C LEU B 294 3.91 2.05 4.64
N ALA B 295 3.38 2.56 5.73
CA ALA B 295 4.04 3.68 6.40
C ALA B 295 5.37 3.19 6.94
N GLY B 296 6.32 4.12 7.07
CA GLY B 296 7.62 3.76 7.61
C GLY B 296 7.47 3.10 8.98
N ARG B 297 6.57 3.61 9.81
CA ARG B 297 6.44 3.06 11.16
C ARG B 297 5.99 1.61 11.13
N ASP B 298 5.28 1.23 10.08
CA ASP B 298 4.80 -0.15 10.01
C ASP B 298 5.86 -1.11 9.52
N MET B 299 6.74 -0.67 8.64
CA MET B 299 7.90 -1.49 8.30
C MET B 299 8.74 -1.73 9.55
N GLU B 300 8.84 -0.70 10.39
CA GLU B 300 9.59 -0.82 11.65
C GLU B 300 8.93 -1.83 12.59
N ALA B 301 7.62 -1.69 12.81
CA ALA B 301 6.94 -2.63 13.70
C ALA B 301 7.03 -4.05 13.19
N MET B 302 6.99 -4.24 11.87
CA MET B 302 7.06 -5.60 11.33
C MET B 302 8.46 -6.17 11.44
N ALA B 303 9.49 -5.33 11.28
CA ALA B 303 10.85 -5.79 11.52
C ALA B 303 11.04 -6.23 12.97
N ILE B 304 10.50 -5.45 13.91
CA ILE B 304 10.67 -5.78 15.32
C ILE B 304 9.85 -7.04 15.66
N GLY B 305 8.63 -7.13 15.13
CA GLY B 305 7.74 -8.23 15.46
C GLY B 305 8.22 -9.57 14.92
N LEU B 306 8.83 -9.57 13.74
CA LEU B 306 9.31 -10.83 13.19
C LEU B 306 10.41 -11.39 14.08
N ARG B 307 11.25 -10.49 14.59
CA ARG B 307 12.31 -10.94 15.49
C ARG B 307 11.75 -11.41 16.83
N GLU B 308 10.71 -10.75 17.36
CA GLU B 308 10.05 -11.24 18.60
C GLU B 308 9.43 -12.61 18.41
N ALA B 309 8.87 -12.86 17.23
CA ALA B 309 8.23 -14.15 16.95
C ALA B 309 9.20 -15.31 17.09
N MET B 310 10.50 -15.07 16.97
CA MET B 310 11.49 -16.13 17.10
C MET B 310 11.69 -16.60 18.54
N GLN B 311 11.15 -15.91 19.52
CA GLN B 311 11.34 -16.35 20.90
C GLN B 311 10.58 -17.64 21.15
N TYR B 312 11.30 -18.69 21.60
CA TYR B 312 10.65 -19.99 21.83
C TYR B 312 9.45 -19.88 22.77
N GLU B 313 9.61 -19.18 23.89
CA GLU B 313 8.50 -19.18 24.87
C GLU B 313 7.26 -18.49 24.31
N TYR B 314 7.45 -17.44 23.49
CA TYR B 314 6.31 -16.78 22.88
C TYR B 314 5.55 -17.78 21.99
N ILE B 315 6.25 -18.48 21.10
CA ILE B 315 5.50 -19.25 20.09
C ILE B 315 4.97 -20.54 20.72
N GLU B 316 5.69 -21.05 21.73
CA GLU B 316 5.20 -22.21 22.49
C GLU B 316 3.86 -21.88 23.15
N HIS B 317 3.80 -20.72 23.81
CA HIS B 317 2.57 -20.33 24.48
C HIS B 317 1.47 -20.03 23.46
N ARG B 318 1.83 -19.38 22.33
CA ARG B 318 0.85 -19.08 21.28
C ARG B 318 0.16 -20.38 20.84
N VAL B 319 0.94 -21.38 20.43
CA VAL B 319 0.37 -22.63 19.94
C VAL B 319 -0.33 -23.39 21.06
N LYS B 320 0.24 -23.39 22.29
CA LYS B 320 -0.40 -24.18 23.37
C LYS B 320 -1.66 -23.51 23.93
N GLN B 321 -1.83 -22.20 23.75
CA GLN B 321 -3.09 -21.58 24.14
C GLN B 321 -4.22 -22.02 23.20
N VAL B 322 -3.94 -22.08 21.90
CA VAL B 322 -4.90 -22.66 20.96
C VAL B 322 -5.18 -24.12 21.32
N ARG B 323 -4.11 -24.87 21.60
CA ARG B 323 -4.27 -26.28 21.98
C ARG B 323 -5.15 -26.43 23.21
N TYR B 324 -5.00 -25.54 24.19
CA TYR B 324 -5.82 -25.58 25.40
C TYR B 324 -7.30 -25.52 25.06
N LEU B 325 -7.68 -24.59 24.20
CA LEU B 325 -9.06 -24.48 23.75
C LEU B 325 -9.52 -25.77 23.08
N GLY B 326 -8.72 -26.29 22.14
CA GLY B 326 -9.11 -27.54 21.49
C GLY B 326 -9.20 -28.70 22.45
N ASP B 327 -8.24 -28.79 23.38
CA ASP B 327 -8.25 -29.91 24.33
C ASP B 327 -9.48 -29.87 25.23
N LYS B 328 -9.85 -28.66 25.68
CA LYS B 328 -11.00 -28.53 26.57
C LYS B 328 -12.30 -28.92 25.86
N LEU B 329 -12.49 -28.44 24.63
CA LEU B 329 -13.65 -28.86 23.83
C LEU B 329 -13.66 -30.36 23.59
N LYS B 330 -12.53 -30.91 23.17
CA LYS B 330 -12.48 -32.34 22.86
C LYS B 330 -12.78 -33.16 24.11
N ALA B 331 -12.33 -32.72 25.29
CA ALA B 331 -12.58 -33.49 26.51
C ALA B 331 -14.06 -33.52 26.88
N ALA B 332 -14.84 -32.51 26.48
CA ALA B 332 -16.29 -32.51 26.68
C ALA B 332 -17.05 -33.17 25.52
N GLY B 333 -16.35 -33.74 24.54
CA GLY B 333 -17.03 -34.42 23.44
C GLY B 333 -17.47 -33.52 22.32
N VAL B 334 -17.00 -32.27 22.27
CA VAL B 334 -17.39 -31.35 21.20
C VAL B 334 -16.60 -31.70 19.94
N PRO B 335 -17.24 -31.84 18.77
CA PRO B 335 -16.52 -32.31 17.57
C PRO B 335 -15.70 -31.19 16.94
N ILE B 336 -14.39 -31.43 16.74
CA ILE B 336 -13.48 -30.44 16.15
C ILE B 336 -12.65 -31.13 15.07
N VAL B 337 -12.13 -30.31 14.14
CA VAL B 337 -11.09 -30.78 13.23
C VAL B 337 -9.85 -31.16 14.02
N GLU B 338 -9.20 -32.25 13.64
CA GLU B 338 -8.04 -32.75 14.37
C GLU B 338 -6.88 -33.00 13.40
N PRO B 339 -5.63 -32.89 13.88
CA PRO B 339 -5.26 -32.29 15.16
C PRO B 339 -5.54 -30.79 15.14
N VAL B 340 -5.57 -30.17 16.33
CA VAL B 340 -5.69 -28.71 16.38
C VAL B 340 -4.48 -28.07 15.71
N GLY B 341 -4.72 -27.02 14.94
CA GLY B 341 -3.67 -26.34 14.21
C GLY B 341 -3.01 -25.25 15.04
N GLY B 342 -2.14 -24.47 14.39
CA GLY B 342 -1.36 -23.51 15.15
C GLY B 342 -2.11 -22.26 15.55
N HIS B 343 -3.22 -21.93 14.87
CA HIS B 343 -3.82 -20.60 14.97
C HIS B 343 -5.31 -20.59 15.26
N ALA B 344 -5.97 -21.75 15.26
CA ALA B 344 -7.42 -21.77 15.33
C ALA B 344 -7.88 -23.16 15.73
N VAL B 345 -9.06 -23.21 16.29
CA VAL B 345 -9.84 -24.44 16.48
C VAL B 345 -11.04 -24.37 15.55
N PHE B 346 -11.28 -25.43 14.77
CA PHE B 346 -12.46 -25.50 13.91
C PHE B 346 -13.47 -26.46 14.54
N LEU B 347 -14.67 -25.95 14.86
CA LEU B 347 -15.78 -26.81 15.25
C LEU B 347 -16.36 -27.46 14.03
N ASP B 348 -16.72 -28.74 14.15
CA ASP B 348 -17.40 -29.45 13.06
C ASP B 348 -18.90 -29.22 13.26
N ALA B 349 -19.46 -28.25 12.55
CA ALA B 349 -20.87 -27.93 12.73
C ALA B 349 -21.79 -28.95 12.09
N ARG B 350 -21.30 -29.73 11.12
CA ARG B 350 -22.11 -30.82 10.61
C ARG B 350 -22.44 -31.80 11.73
N ARG B 351 -21.45 -32.15 12.54
CA ARG B 351 -21.71 -33.08 13.63
C ARG B 351 -22.33 -32.37 14.82
N PHE B 352 -21.91 -31.13 15.08
CA PHE B 352 -22.49 -30.38 16.20
C PHE B 352 -24.00 -30.24 16.03
N CYS B 353 -24.44 -29.85 14.83
CA CYS B 353 -25.85 -29.67 14.54
C CYS B 353 -26.34 -30.75 13.58
N GLU B 354 -26.23 -32.01 13.98
CA GLU B 354 -26.59 -33.08 13.07
C GLU B 354 -28.10 -33.20 12.87
N HIS B 355 -28.89 -32.43 13.62
CA HIS B 355 -30.33 -32.37 13.36
C HIS B 355 -30.69 -31.36 12.27
N LEU B 356 -29.71 -30.63 11.73
CA LEU B 356 -29.91 -29.61 10.69
C LEU B 356 -29.29 -30.08 9.36
N THR B 357 -29.96 -29.80 8.25
CA THR B 357 -29.34 -30.11 6.97
C THR B 357 -28.40 -28.98 6.56
N GLN B 358 -27.56 -29.24 5.55
CA GLN B 358 -26.59 -28.21 5.20
C GLN B 358 -27.29 -26.99 4.60
N ASP B 359 -28.45 -27.20 3.95
CA ASP B 359 -29.23 -26.08 3.42
C ASP B 359 -29.87 -25.21 4.50
N GLU B 360 -29.78 -25.60 5.76
CA GLU B 360 -30.25 -24.80 6.89
C GLU B 360 -29.11 -24.09 7.60
N PHE B 361 -27.89 -24.14 7.02
CA PHE B 361 -26.69 -23.39 7.42
C PHE B 361 -26.32 -23.66 8.89
N PRO B 362 -25.92 -24.90 9.22
CA PRO B 362 -25.59 -25.19 10.63
C PRO B 362 -24.41 -24.38 11.14
N ALA B 363 -23.36 -24.17 10.33
CA ALA B 363 -22.22 -23.39 10.83
C ALA B 363 -22.61 -21.94 11.05
N GLN B 364 -23.33 -21.33 10.10
CA GLN B 364 -23.76 -19.96 10.30
C GLN B 364 -24.60 -19.83 11.56
N SER B 365 -25.47 -20.80 11.81
CA SER B 365 -26.35 -20.70 12.98
C SER B 365 -25.59 -20.95 14.27
N LEU B 366 -24.66 -21.91 14.26
CA LEU B 366 -23.84 -22.14 15.43
C LEU B 366 -23.02 -20.88 15.76
N ALA B 367 -22.42 -20.25 14.75
CA ALA B 367 -21.65 -19.04 15.06
C ALA B 367 -22.56 -17.97 15.68
N ALA B 368 -23.80 -17.84 15.21
CA ALA B 368 -24.71 -16.87 15.83
C ALA B 368 -25.04 -17.23 17.28
N SER B 369 -25.29 -18.52 17.56
CA SER B 369 -25.56 -18.94 18.94
C SER B 369 -24.36 -18.67 19.84
N ILE B 370 -23.15 -18.96 19.35
CA ILE B 370 -21.98 -18.74 20.19
C ILE B 370 -21.88 -17.29 20.62
N TYR B 371 -22.16 -16.36 19.69
CA TYR B 371 -22.04 -14.95 20.08
C TYR B 371 -23.09 -14.55 21.11
N VAL B 372 -24.33 -15.00 20.91
CA VAL B 372 -25.41 -14.67 21.85
C VAL B 372 -25.10 -15.20 23.25
N GLU B 373 -24.58 -16.43 23.34
CA GLU B 373 -24.35 -17.04 24.64
C GLU B 373 -23.09 -16.55 25.34
N THR B 374 -22.09 -15.99 24.61
CA THR B 374 -20.79 -15.67 25.23
C THR B 374 -20.24 -14.29 24.90
N GLY B 375 -20.73 -13.63 23.85
CA GLY B 375 -20.01 -12.44 23.42
C GLY B 375 -18.79 -12.72 22.57
N VAL B 376 -18.67 -13.96 22.06
CA VAL B 376 -17.56 -14.39 21.22
C VAL B 376 -18.00 -14.38 19.76
N ARG B 377 -17.22 -13.72 18.90
CA ARG B 377 -17.46 -13.79 17.45
C ARG B 377 -16.53 -14.83 16.85
N SER B 378 -17.08 -15.70 16.00
CA SER B 378 -16.33 -16.71 15.27
C SER B 378 -16.71 -16.60 13.80
N MET B 379 -15.96 -17.25 12.91
CA MET B 379 -16.20 -17.13 11.48
C MET B 379 -16.89 -18.38 10.92
N GLU B 380 -17.97 -18.18 10.15
CA GLU B 380 -18.53 -19.29 9.37
C GLU B 380 -17.52 -19.71 8.31
N ARG B 381 -17.18 -21.00 8.27
CA ARG B 381 -16.39 -21.54 7.15
C ARG B 381 -17.12 -22.81 6.65
N GLY B 382 -18.23 -22.61 5.95
CA GLY B 382 -19.08 -23.70 5.52
C GLY B 382 -19.75 -23.32 4.25
N ILE B 383 -21.02 -23.73 4.10
CA ILE B 383 -21.72 -23.58 2.85
C ILE B 383 -21.94 -22.09 2.50
N ILE B 384 -22.13 -21.22 3.49
CA ILE B 384 -22.35 -19.81 3.14
C ILE B 384 -21.10 -19.21 2.50
N SER B 385 -19.96 -19.36 3.16
CA SER B 385 -18.68 -18.88 2.59
C SER B 385 -18.34 -19.57 1.27
N ALA B 386 -18.83 -20.78 1.04
CA ALA B 386 -18.53 -21.42 -0.22
C ALA B 386 -19.18 -20.71 -1.41
N GLY B 387 -20.25 -19.96 -1.20
CA GLY B 387 -20.90 -19.24 -2.27
C GLY B 387 -21.88 -20.08 -3.06
N ARG B 388 -22.57 -19.41 -3.98
CA ARG B 388 -23.53 -20.04 -4.87
C ARG B 388 -22.90 -20.14 -6.25
N ASN B 389 -23.18 -21.24 -6.96
CA ASN B 389 -22.86 -21.33 -8.38
C ASN B 389 -23.81 -20.43 -9.15
N ASN B 390 -23.29 -19.37 -9.78
CA ASN B 390 -24.17 -18.42 -10.43
C ASN B 390 -24.63 -18.87 -11.81
N VAL B 391 -24.00 -19.89 -12.39
CA VAL B 391 -24.54 -20.49 -13.60
C VAL B 391 -25.77 -21.34 -13.29
N THR B 392 -25.63 -22.28 -12.34
CA THR B 392 -26.71 -23.20 -12.00
C THR B 392 -27.61 -22.69 -10.89
N GLY B 393 -27.14 -21.75 -10.08
CA GLY B 393 -27.97 -21.25 -9.01
C GLY B 393 -27.95 -22.07 -7.74
N GLU B 394 -27.17 -23.15 -7.70
CA GLU B 394 -27.13 -24.04 -6.54
C GLU B 394 -25.96 -23.64 -5.65
N HIS B 395 -26.11 -23.89 -4.34
CA HIS B 395 -24.97 -23.69 -3.44
C HIS B 395 -23.77 -24.52 -3.90
N HIS B 396 -22.57 -23.97 -3.70
CA HIS B 396 -21.39 -24.83 -3.61
C HIS B 396 -21.46 -25.54 -2.27
N ARG B 397 -21.40 -26.88 -2.31
CA ARG B 397 -21.57 -27.69 -1.11
C ARG B 397 -20.23 -28.22 -0.64
N PRO B 398 -19.59 -27.61 0.35
CA PRO B 398 -18.27 -28.09 0.76
C PRO B 398 -18.39 -29.26 1.74
N LYS B 399 -17.40 -30.15 1.67
CA LYS B 399 -17.35 -31.25 2.64
C LYS B 399 -17.20 -30.73 4.07
N LEU B 400 -16.43 -29.68 4.26
CA LEU B 400 -16.23 -29.14 5.60
C LEU B 400 -17.27 -28.07 5.89
N GLU B 401 -18.02 -28.26 6.96
CA GLU B 401 -19.03 -27.31 7.44
C GLU B 401 -18.55 -26.95 8.84
N THR B 402 -17.79 -25.85 8.97
CA THR B 402 -17.11 -25.58 10.23
C THR B 402 -17.33 -24.14 10.69
N VAL B 403 -17.12 -23.95 12.00
CA VAL B 403 -17.03 -22.65 12.64
C VAL B 403 -15.58 -22.47 13.10
N ARG B 404 -14.94 -21.38 12.67
CA ARG B 404 -13.53 -21.18 12.98
C ARG B 404 -13.38 -20.26 14.18
N LEU B 405 -12.73 -20.76 15.24
CA LEU B 405 -12.34 -19.96 16.42
C LEU B 405 -10.87 -19.57 16.23
N THR B 406 -10.64 -18.39 15.65
CA THR B 406 -9.32 -17.99 15.19
C THR B 406 -8.70 -17.09 16.28
N ILE B 407 -7.47 -17.40 16.71
CA ILE B 407 -6.96 -16.79 17.95
C ILE B 407 -5.92 -15.73 17.57
N PRO B 408 -6.20 -14.45 17.76
CA PRO B 408 -5.14 -13.44 17.55
C PRO B 408 -3.99 -13.66 18.53
N ARG B 409 -2.80 -13.20 18.15
CA ARG B 409 -1.60 -13.45 18.96
C ARG B 409 -1.47 -12.39 20.07
N ARG B 410 -1.34 -12.87 21.33
CA ARG B 410 -1.02 -12.07 22.52
C ARG B 410 -2.17 -11.17 22.96
N VAL B 411 -3.41 -11.45 22.55
CA VAL B 411 -4.56 -10.60 22.84
C VAL B 411 -5.39 -11.13 24.01
N TYR B 412 -5.54 -12.45 24.08
CA TYR B 412 -6.46 -13.11 25.02
C TYR B 412 -5.67 -13.98 26.00
N THR B 413 -6.34 -14.36 27.09
CA THR B 413 -5.79 -15.20 28.14
C THR B 413 -6.47 -16.58 28.15
N TYR B 414 -5.99 -17.46 29.05
CA TYR B 414 -6.69 -18.74 29.19
C TYR B 414 -8.08 -18.54 29.76
N ALA B 415 -8.29 -17.50 30.56
CA ALA B 415 -9.64 -17.24 31.07
C ALA B 415 -10.58 -16.87 29.95
N HIS B 416 -10.10 -16.11 28.93
CA HIS B 416 -10.93 -15.91 27.74
C HIS B 416 -11.19 -17.23 27.00
N MET B 417 -10.17 -18.08 26.86
CA MET B 417 -10.39 -19.38 26.25
C MET B 417 -11.43 -20.18 27.00
N ASP B 418 -11.49 -20.03 28.33
CA ASP B 418 -12.52 -20.73 29.11
C ASP B 418 -13.91 -20.17 28.82
N VAL B 419 -14.03 -18.84 28.68
CA VAL B 419 -15.32 -18.25 28.29
C VAL B 419 -15.81 -18.91 26.99
N VAL B 420 -14.93 -18.98 25.99
CA VAL B 420 -15.27 -19.57 24.70
C VAL B 420 -15.66 -21.03 24.88
N ALA B 421 -14.80 -21.81 25.53
CA ALA B 421 -15.05 -23.25 25.65
C ALA B 421 -16.28 -23.53 26.50
N ASP B 422 -16.39 -22.89 27.66
CA ASP B 422 -17.54 -23.15 28.54
C ASP B 422 -18.84 -22.87 27.82
N GLY B 423 -18.87 -21.77 27.06
CA GLY B 423 -20.09 -21.42 26.36
C GLY B 423 -20.41 -22.42 25.27
N ILE B 424 -19.40 -22.86 24.53
CA ILE B 424 -19.65 -23.84 23.47
C ILE B 424 -20.07 -25.18 24.06
N ILE B 425 -19.46 -25.56 25.18
CA ILE B 425 -19.80 -26.84 25.80
C ILE B 425 -21.23 -26.82 26.30
N LYS B 426 -21.68 -25.67 26.83
CA LYS B 426 -23.05 -25.57 27.31
C LYS B 426 -24.03 -25.65 26.14
N LEU B 427 -23.70 -25.00 25.02
CA LEU B 427 -24.51 -25.12 23.81
C LEU B 427 -24.56 -26.55 23.34
N TYR B 428 -23.42 -27.24 23.39
CA TYR B 428 -23.37 -28.61 22.93
C TYR B 428 -24.28 -29.53 23.75
N GLN B 429 -24.46 -29.23 25.04
CA GLN B 429 -25.28 -30.08 25.90
C GLN B 429 -26.76 -29.96 25.58
N HIS B 430 -27.19 -28.91 24.90
N HIS B 430 -27.15 -28.91 24.87
CA HIS B 430 -28.54 -28.88 24.36
CA HIS B 430 -28.51 -28.75 24.38
C HIS B 430 -28.50 -28.48 22.88
C HIS B 430 -28.48 -28.44 22.88
N LYS B 431 -27.57 -29.10 22.14
CA LYS B 431 -27.36 -28.76 20.73
C LYS B 431 -28.62 -28.92 19.89
N GLU B 432 -29.50 -29.85 20.25
CA GLU B 432 -30.73 -30.04 19.48
C GLU B 432 -31.62 -28.79 19.48
N ASP B 433 -31.42 -27.84 20.39
CA ASP B 433 -32.24 -26.63 20.37
C ASP B 433 -31.75 -25.59 19.37
N ILE B 434 -30.60 -25.81 18.73
CA ILE B 434 -30.10 -24.80 17.78
C ILE B 434 -30.97 -24.82 16.53
N ARG B 435 -31.48 -23.66 16.15
CA ARG B 435 -32.43 -23.58 15.06
C ARG B 435 -31.72 -23.38 13.72
N GLY B 436 -32.35 -23.85 12.64
CA GLY B 436 -31.82 -23.61 11.32
C GLY B 436 -32.07 -22.17 10.87
N LEU B 437 -31.27 -21.72 9.89
CA LEU B 437 -31.39 -20.37 9.34
C LEU B 437 -31.86 -20.42 7.89
N LYS B 438 -32.48 -19.33 7.45
CA LYS B 438 -32.82 -19.14 6.05
C LYS B 438 -32.40 -17.73 5.66
N PHE B 439 -32.09 -17.53 4.37
CA PHE B 439 -31.76 -16.21 3.87
C PHE B 439 -32.97 -15.30 3.95
N ILE B 440 -32.76 -14.06 4.39
CA ILE B 440 -33.70 -13.00 4.08
C ILE B 440 -33.08 -11.93 3.19
N TYR B 441 -31.75 -11.86 3.09
CA TYR B 441 -31.10 -11.02 2.08
C TYR B 441 -29.85 -11.75 1.63
N GLU B 442 -29.67 -11.92 0.32
CA GLU B 442 -28.50 -12.66 -0.19
C GLU B 442 -27.92 -11.89 -1.36
N PRO B 443 -26.72 -11.35 -1.26
CA PRO B 443 -26.14 -10.65 -2.40
C PRO B 443 -25.55 -11.64 -3.38
N LYS B 444 -25.32 -11.15 -4.60
CA LYS B 444 -24.85 -12.01 -5.69
C LYS B 444 -23.43 -12.53 -5.47
N GLN B 445 -22.57 -11.76 -4.80
CA GLN B 445 -21.20 -12.18 -4.57
C GLN B 445 -20.80 -11.78 -3.16
N LEU B 446 -19.71 -12.36 -2.68
CA LEU B 446 -19.23 -12.11 -1.33
C LEU B 446 -20.34 -12.29 -0.31
N ARG B 447 -21.15 -13.33 -0.48
CA ARG B 447 -22.39 -13.41 0.27
C ARG B 447 -22.14 -13.59 1.77
N PHE B 448 -21.02 -14.19 2.17
CA PHE B 448 -20.77 -14.35 3.60
C PHE B 448 -20.57 -13.00 4.32
N PHE B 449 -20.24 -11.95 3.58
CA PHE B 449 -19.87 -10.67 4.19
C PHE B 449 -21.10 -9.87 4.58
N THR B 450 -22.16 -9.89 3.76
CA THR B 450 -23.33 -9.06 4.03
C THR B 450 -24.66 -9.82 4.00
N ALA B 451 -24.68 -11.15 3.87
CA ALA B 451 -25.98 -11.83 3.83
C ALA B 451 -26.68 -11.68 5.18
N ARG B 452 -28.00 -11.68 5.17
CA ARG B 452 -28.78 -11.68 6.40
CA ARG B 452 -28.79 -11.67 6.40
C ARG B 452 -29.75 -12.85 6.43
N PHE B 453 -30.03 -13.33 7.63
CA PHE B 453 -30.81 -14.54 7.84
C PHE B 453 -31.90 -14.30 8.89
N ASP B 454 -32.86 -15.21 8.93
CA ASP B 454 -33.76 -15.36 10.06
C ASP B 454 -33.90 -16.86 10.34
N TYR B 455 -34.46 -17.18 11.51
CA TYR B 455 -34.68 -18.56 11.93
C TYR B 455 -35.78 -19.20 11.11
N ILE B 456 -35.62 -20.50 10.86
CA ILE B 456 -36.64 -21.25 10.13
C ILE B 456 -37.81 -21.43 11.08
C4 CQG C . -3.84 36.44 -4.09
C3 CQG C . -2.58 36.00 -4.24
C2 CQG C . -2.83 35.53 -6.56
C1 CQG C . -4.11 35.97 -6.58
O CQG C . -5.87 36.86 -5.26
C CQG C . -4.70 36.45 -5.31
N CQG C . -2.07 35.54 -5.43
C4 CQG D . 5.81 9.96 -8.35
C3 CQG D . 5.80 9.32 -7.16
C2 CQG D . 3.88 7.98 -7.74
C1 CQG D . 3.80 8.51 -8.96
O CQG D . 4.74 10.09 -10.44
C CQG D . 4.78 9.56 -9.34
N CQG D . 4.87 8.36 -6.86
O 0JO E . 3.21 13.19 -6.77
C 0JO E . 3.59 12.36 -6.05
OXT 0JO E . 4.63 12.41 -5.52
CA 0JO E . 2.78 11.22 -5.84
CB 0JO E . 3.25 10.05 -5.25
N 0JO E . 1.50 11.29 -6.19
C4A 0JO E . 0.62 10.37 -6.15
C4 0JO E . -0.64 10.57 -6.87
C3 0JO E . -0.99 11.83 -7.35
O3 0JO E . -0.23 12.91 -7.18
C2 0JO E . -2.18 11.99 -8.05
C2A 0JO E . -2.59 13.32 -8.59
N1 0JO E . -2.98 10.96 -8.25
C6 0JO E . -2.65 9.75 -7.80
C5 0JO E . -1.51 9.49 -7.10
C5A 0JO E . -1.22 8.11 -6.62
OP4 0JO E . -1.46 8.01 -5.19
P 0JO E . -0.65 7.05 -4.29
OP3 0JO E . -1.27 7.14 -3.00
OP1 0JO E . -0.79 5.74 -4.87
OP2 0JO E . 0.72 7.49 -4.29
K K F . 4.94 7.45 4.47
K K G . -5.79 -4.77 11.39
C4 CQG H . -14.68 -1.34 21.25
C3 CQG H . -14.33 -2.30 22.09
C2 CQG H . -13.21 -3.62 20.47
C1 CQG H . -13.47 -2.74 19.50
O CQG H . -14.51 -0.67 19.01
C CQG H . -14.24 -1.52 19.85
N CQG H . -13.62 -3.41 21.73
N SER I . -5.75 -14.90 5.68
CA SER I . -6.65 -14.36 6.71
C SER I . -7.64 -15.37 7.28
O SER I . -8.65 -14.90 7.83
CB SER I . -7.42 -13.16 6.15
OG SER I . -7.93 -13.41 4.86
OXT SER I . -7.44 -16.62 7.21
O22 P33 J . -13.87 -17.97 32.92
C21 P33 J . -12.80 -17.57 33.76
C20 P33 J . -12.19 -18.77 34.51
O19 P33 J . -10.85 -18.53 34.89
C18 P33 J . -10.64 -18.35 36.26
C17 P33 J . -10.13 -19.63 36.92
O16 P33 J . -8.78 -19.81 36.65
C15 P33 J . -8.40 -21.16 36.65
C14 P33 J . -7.21 -21.35 35.70
O13 P33 J . -7.15 -22.68 35.23
C12 P33 J . -7.42 -22.86 33.86
C11 P33 J . -6.25 -22.36 33.00
O10 P33 J . -5.31 -23.38 32.82
C9 P33 J . -4.08 -22.95 32.27
C8 P33 J . -3.03 -22.95 33.37
O7 P33 J . -1.74 -22.95 32.82
C6 P33 J . -0.89 -21.92 33.27
C5 P33 J . -0.59 -22.02 34.78
O4 P33 J . 0.02 -23.24 35.10
C3 P33 J . 1.26 -23.15 35.74
C2 P33 J . 2.41 -23.20 34.72
O1 P33 J . 2.41 -24.42 34.01
#